data_1PQ2
#
_entry.id   1PQ2
#
_cell.length_a   105.988
_cell.length_b   137.405
_cell.length_c   97.322
_cell.angle_alpha   90.00
_cell.angle_beta   112.51
_cell.angle_gamma   90.00
#
_symmetry.space_group_name_H-M   'C 1 2 1'
#
loop_
_entity.id
_entity.type
_entity.pdbx_description
1 polymer 'Cytochrome P450 2C8'
2 non-polymer 'PHOSPHATE ION'
3 non-polymer 'PROTOPORPHYRIN IX CONTAINING FE'
4 non-polymer 'PALMITIC ACID'
5 water water
#
_entity_poly.entity_id   1
_entity_poly.type   'polypeptide(L)'
_entity_poly.pdbx_seq_one_letter_code
;MAKKTSSKGKLPPGPTPLPIIGNMLQIDVKDICKSFTNFSKVYGPVFTVYFGMNPIVVFHGYEAVKEALIDNGEEFSGRG
NSPISQRITKGLGIISSNGKRWKEIRRFSLTTLRNFGMGKRSIEDRVQEEAHCLVEELRKTKASPCDPTFILGCAPCNVI
CSVVFQKRFDYKDQNFLTLMKRFNENFRILNSPWIQVCNNFPLLIDCFPGTHNKVLKNVALTRSYIREKVKEHQASLDVN
NPRDFIDCFLIKMEQEKDNQKSEFNIENLVGTVADLFVAGTETTSTTLRYGLLLLLKHPEVTAKVQEEIDHVIGRHRSPC
MQDRSHMPYTDAVVHEIQRYSDLVPTGVPHAVTTDTKFRNYLIPKGTTIMALLTSVLHDDKEFPNPNIFDPGHFLDKNGN
FKKSDYFMPFSAGKRICAGEGLARMELFLFLTTILQNFNLKSVDDLKNLNTTAVTKGIVSLPPSYQICFIPVHHHH
;
_entity_poly.pdbx_strand_id   A,B
#
loop_
_chem_comp.id
_chem_comp.type
_chem_comp.name
_chem_comp.formula
HEM non-polymer 'PROTOPORPHYRIN IX CONTAINING FE' 'C34 H32 Fe N4 O4'
PLM non-polymer 'PALMITIC ACID' 'C16 H32 O2'
PO4 non-polymer 'PHOSPHATE ION' 'O4 P -3'
#
# COMPACT_ATOMS: atom_id res chain seq x y z
N LYS A 10 21.81 -15.23 -35.19
CA LYS A 10 21.76 -13.75 -35.27
C LYS A 10 20.40 -13.20 -34.83
N LEU A 11 20.41 -12.12 -34.05
CA LEU A 11 19.19 -11.49 -33.55
C LEU A 11 18.60 -10.55 -34.58
N PRO A 12 17.25 -10.46 -34.64
CA PRO A 12 16.58 -9.58 -35.60
C PRO A 12 17.02 -8.15 -35.35
N PRO A 13 16.99 -7.29 -36.39
CA PRO A 13 17.41 -5.89 -36.26
C PRO A 13 16.61 -5.16 -35.19
N GLY A 14 16.97 -3.91 -34.91
CA GLY A 14 16.27 -3.15 -33.90
C GLY A 14 17.01 -1.87 -33.59
N PRO A 15 16.43 -1.00 -32.74
CA PRO A 15 17.02 0.28 -32.35
C PRO A 15 18.39 0.04 -31.73
N THR A 16 19.25 1.07 -31.83
CA THR A 16 20.60 1.02 -31.28
C THR A 16 20.49 1.26 -29.78
N PRO A 17 20.91 0.25 -29.01
CA PRO A 17 21.01 0.26 -27.53
C PRO A 17 22.13 1.07 -26.91
N LEU A 18 21.78 1.99 -26.03
CA LEU A 18 22.75 2.73 -25.26
C LEU A 18 23.27 1.71 -24.20
N PRO A 19 24.58 1.73 -23.84
CA PRO A 19 25.23 0.59 -23.08
C PRO A 19 24.57 -0.28 -21.98
N ILE A 20 24.18 0.29 -20.86
CA ILE A 20 23.68 -0.41 -19.70
C ILE A 20 22.15 -0.24 -19.47
N ILE A 21 21.61 0.82 -20.04
CA ILE A 21 20.17 1.08 -19.90
C ILE A 21 19.41 0.43 -21.08
N GLY A 22 20.09 0.22 -22.20
CA GLY A 22 19.46 -0.39 -23.36
C GLY A 22 18.59 0.57 -24.16
N ASN A 23 17.43 0.08 -24.60
CA ASN A 23 16.52 0.92 -25.37
C ASN A 23 15.49 1.63 -24.47
N MET A 24 15.56 1.35 -23.17
CA MET A 24 14.67 1.89 -22.14
C MET A 24 14.31 3.37 -22.24
N LEU A 25 15.02 4.13 -23.06
CA LEU A 25 14.74 5.55 -23.20
C LEU A 25 13.98 5.86 -24.48
N GLN A 26 13.89 4.86 -25.35
CA GLN A 26 13.16 5.02 -26.62
C GLN A 26 11.77 4.41 -26.46
N ILE A 27 11.50 3.89 -25.26
CA ILE A 27 10.23 3.25 -24.96
C ILE A 27 9.37 4.04 -23.96
N ASP A 28 8.07 4.10 -24.25
CA ASP A 28 7.12 4.76 -23.37
C ASP A 28 6.68 3.72 -22.34
N VAL A 29 7.32 3.73 -21.17
CA VAL A 29 7.02 2.78 -20.09
C VAL A 29 5.54 2.69 -19.76
N LYS A 30 4.80 3.76 -20.06
CA LYS A 30 3.37 3.82 -19.84
C LYS A 30 2.73 2.99 -20.96
N ASP A 31 2.47 3.61 -22.12
CA ASP A 31 1.88 2.89 -23.25
C ASP A 31 3.00 2.19 -24.05
N ILE A 32 3.64 1.24 -23.39
CA ILE A 32 4.75 0.47 -23.94
C ILE A 32 4.40 -0.27 -25.24
N CYS A 33 3.12 -0.32 -25.56
CA CYS A 33 2.66 -1.00 -26.75
C CYS A 33 2.59 -0.08 -27.96
N LYS A 34 2.60 1.22 -27.70
CA LYS A 34 2.58 2.20 -28.77
C LYS A 34 4.00 2.27 -29.34
N SER A 35 4.97 2.10 -28.45
CA SER A 35 6.37 2.14 -28.86
C SER A 35 6.69 0.97 -29.79
N PHE A 36 6.38 -0.25 -29.34
CA PHE A 36 6.61 -1.41 -30.17
C PHE A 36 5.97 -1.19 -31.54
N THR A 37 4.70 -0.80 -31.56
CA THR A 37 3.99 -0.56 -32.81
C THR A 37 4.76 0.38 -33.73
N ASN A 38 5.38 1.40 -33.15
CA ASN A 38 6.16 2.34 -33.93
C ASN A 38 7.40 1.71 -34.55
N PHE A 39 8.05 0.85 -33.78
CA PHE A 39 9.24 0.16 -34.26
C PHE A 39 8.89 -0.70 -35.45
N SER A 40 7.78 -1.41 -35.38
CA SER A 40 7.37 -2.27 -36.49
C SER A 40 7.31 -1.49 -37.81
N LYS A 41 7.09 -0.18 -37.71
CA LYS A 41 7.01 0.65 -38.90
C LYS A 41 8.38 0.96 -39.49
N VAL A 42 9.41 0.75 -38.69
CA VAL A 42 10.77 1.00 -39.11
C VAL A 42 11.56 -0.29 -39.30
N TYR A 43 11.28 -1.28 -38.46
CA TYR A 43 11.99 -2.55 -38.49
C TYR A 43 11.20 -3.79 -38.87
N GLY A 44 10.01 -3.60 -39.45
CA GLY A 44 9.20 -4.75 -39.85
C GLY A 44 8.58 -5.59 -38.74
N PRO A 45 8.05 -6.78 -39.08
CA PRO A 45 7.38 -7.79 -38.27
C PRO A 45 8.11 -8.26 -37.03
N VAL A 46 9.35 -8.69 -37.21
CA VAL A 46 10.10 -9.15 -36.07
C VAL A 46 11.24 -8.21 -35.90
N PHE A 47 11.50 -7.86 -34.66
CA PHE A 47 12.59 -6.98 -34.29
C PHE A 47 13.02 -7.26 -32.85
N THR A 48 14.06 -6.57 -32.40
CA THR A 48 14.60 -6.79 -31.07
C THR A 48 14.82 -5.50 -30.31
N VAL A 49 14.47 -5.50 -29.03
CA VAL A 49 14.70 -4.33 -28.19
C VAL A 49 15.48 -4.81 -26.98
N TYR A 50 16.11 -3.88 -26.27
CA TYR A 50 16.89 -4.21 -25.10
C TYR A 50 16.45 -3.50 -23.84
N PHE A 51 16.02 -4.29 -22.86
CA PHE A 51 15.60 -3.76 -21.57
C PHE A 51 16.84 -3.89 -20.70
N GLY A 52 17.68 -2.86 -20.72
CA GLY A 52 18.93 -2.91 -19.99
C GLY A 52 19.85 -3.82 -20.78
N MET A 53 20.39 -4.85 -20.15
CA MET A 53 21.27 -5.82 -20.80
C MET A 53 20.55 -7.08 -21.26
N ASN A 54 19.22 -7.03 -21.24
CA ASN A 54 18.42 -8.16 -21.63
C ASN A 54 17.78 -7.93 -22.96
N PRO A 55 17.88 -8.91 -23.86
CA PRO A 55 17.30 -8.80 -25.20
C PRO A 55 15.87 -9.32 -25.19
N ILE A 56 15.00 -8.63 -25.92
CA ILE A 56 13.61 -9.02 -26.07
C ILE A 56 13.28 -8.90 -27.51
N VAL A 57 12.83 -10.02 -28.06
CA VAL A 57 12.45 -10.06 -29.45
C VAL A 57 10.91 -10.02 -29.50
N VAL A 58 10.44 -9.00 -30.20
CA VAL A 58 9.04 -8.71 -30.37
C VAL A 58 8.48 -9.16 -31.71
N PHE A 59 7.36 -9.87 -31.64
CA PHE A 59 6.69 -10.35 -32.84
C PHE A 59 5.41 -9.52 -32.98
N HIS A 60 5.31 -8.79 -34.09
CA HIS A 60 4.19 -7.92 -34.35
C HIS A 60 3.46 -8.21 -35.66
N GLY A 61 2.22 -8.66 -35.56
CA GLY A 61 1.44 -8.97 -36.73
C GLY A 61 0.93 -10.38 -36.66
N TYR A 62 -0.18 -10.65 -37.33
CA TYR A 62 -0.77 -11.98 -37.32
C TYR A 62 0.23 -13.02 -37.84
N GLU A 63 0.79 -12.77 -39.02
CA GLU A 63 1.76 -13.71 -39.64
C GLU A 63 2.88 -14.10 -38.66
N ALA A 64 3.56 -13.08 -38.16
CA ALA A 64 4.64 -13.30 -37.21
C ALA A 64 4.14 -14.04 -35.98
N VAL A 65 3.18 -13.45 -35.27
CA VAL A 65 2.61 -14.03 -34.05
C VAL A 65 2.16 -15.47 -34.28
N LYS A 66 1.51 -15.69 -35.41
CA LYS A 66 1.04 -17.03 -35.73
C LYS A 66 2.22 -17.97 -35.96
N GLU A 67 3.15 -17.54 -36.82
CA GLU A 67 4.33 -18.33 -37.15
C GLU A 67 5.07 -18.75 -35.87
N ALA A 68 5.28 -17.78 -34.99
CA ALA A 68 5.99 -18.04 -33.76
C ALA A 68 5.23 -18.95 -32.79
N LEU A 69 4.03 -18.58 -32.38
CA LEU A 69 3.30 -19.37 -31.40
C LEU A 69 2.64 -20.67 -31.87
N ILE A 70 2.23 -20.73 -33.13
CA ILE A 70 1.58 -21.93 -33.64
C ILE A 70 2.57 -22.87 -34.34
N ASP A 71 3.04 -22.45 -35.51
CA ASP A 71 3.98 -23.20 -36.35
C ASP A 71 5.26 -23.63 -35.64
N ASN A 72 5.96 -22.69 -35.03
CA ASN A 72 7.18 -22.99 -34.30
C ASN A 72 6.87 -23.04 -32.80
N GLY A 73 5.66 -23.52 -32.51
CA GLY A 73 5.16 -23.61 -31.15
C GLY A 73 6.02 -24.25 -30.09
N GLU A 74 6.36 -25.52 -30.26
CA GLU A 74 7.19 -26.25 -29.30
C GLU A 74 8.43 -25.49 -28.87
N GLU A 75 9.04 -24.77 -29.80
CA GLU A 75 10.23 -23.99 -29.49
C GLU A 75 9.89 -22.73 -28.68
N PHE A 76 8.74 -22.12 -28.99
CA PHE A 76 8.31 -20.91 -28.31
C PHE A 76 7.37 -21.14 -27.10
N SER A 77 7.17 -22.39 -26.71
CA SER A 77 6.29 -22.75 -25.58
C SER A 77 6.98 -22.65 -24.23
N GLY A 78 7.97 -21.79 -24.22
CA GLY A 78 8.68 -21.39 -23.07
C GLY A 78 7.73 -20.40 -22.40
N ARG A 79 8.30 -19.76 -21.47
CA ARG A 79 7.61 -18.90 -20.64
C ARG A 79 8.67 -18.15 -19.98
N GLY A 80 8.22 -16.97 -19.64
CA GLY A 80 9.05 -15.89 -19.24
C GLY A 80 9.26 -15.64 -17.84
N ASN A 81 10.45 -15.83 -17.56
CA ASN A 81 10.64 -15.50 -16.24
C ASN A 81 11.83 -14.71 -15.99
N SER A 82 11.41 -13.78 -15.21
CA SER A 82 12.07 -12.67 -14.57
C SER A 82 12.62 -12.94 -13.16
N PRO A 83 13.42 -11.99 -12.59
CA PRO A 83 14.02 -12.13 -11.23
C PRO A 83 13.02 -12.26 -10.10
N ILE A 84 12.04 -11.37 -10.22
CA ILE A 84 10.92 -11.22 -9.30
C ILE A 84 10.05 -12.45 -9.26
N SER A 85 9.43 -12.80 -10.39
CA SER A 85 8.54 -13.95 -10.45
C SER A 85 9.21 -15.26 -10.04
N GLN A 86 10.50 -15.40 -10.37
CA GLN A 86 11.22 -16.60 -10.00
C GLN A 86 11.38 -16.67 -8.51
N ARG A 87 11.49 -15.50 -7.88
CA ARG A 87 11.62 -15.39 -6.43
C ARG A 87 10.29 -15.78 -5.77
N ILE A 88 9.20 -15.22 -6.29
CA ILE A 88 7.86 -15.49 -5.77
C ILE A 88 7.50 -16.96 -5.85
N THR A 89 7.26 -17.43 -7.07
CA THR A 89 6.85 -18.81 -7.36
C THR A 89 7.92 -19.88 -7.18
N LYS A 90 9.18 -19.45 -7.18
CA LYS A 90 10.33 -20.35 -7.03
C LYS A 90 10.32 -21.45 -8.09
N GLY A 91 9.78 -21.14 -9.27
CA GLY A 91 9.72 -22.08 -10.37
C GLY A 91 8.61 -23.13 -10.33
N LEU A 92 7.77 -23.10 -9.31
CA LEU A 92 6.67 -24.08 -9.18
C LEU A 92 5.42 -23.71 -10.01
N GLY A 93 4.35 -24.47 -9.83
CA GLY A 93 3.09 -24.19 -10.51
C GLY A 93 2.98 -24.43 -12.01
N ILE A 94 2.21 -23.56 -12.69
CA ILE A 94 2.00 -23.67 -14.13
C ILE A 94 2.51 -22.46 -14.89
N ILE A 95 2.04 -21.29 -14.47
CA ILE A 95 2.40 -20.01 -15.09
C ILE A 95 3.90 -19.80 -15.18
N SER A 96 4.58 -20.09 -14.08
CA SER A 96 6.02 -19.87 -13.94
C SER A 96 6.92 -21.05 -14.28
N SER A 97 6.45 -22.26 -14.00
CA SER A 97 7.23 -23.48 -14.26
C SER A 97 7.61 -23.67 -15.72
N ASN A 98 8.55 -24.58 -15.97
CA ASN A 98 9.05 -24.89 -17.31
C ASN A 98 9.38 -26.37 -17.48
N GLY A 99 9.53 -26.78 -18.73
CA GLY A 99 9.88 -28.16 -19.04
C GLY A 99 8.96 -29.28 -18.59
N LYS A 100 9.57 -30.35 -18.07
CA LYS A 100 8.87 -31.54 -17.60
C LYS A 100 7.85 -31.19 -16.52
N ARG A 101 8.19 -30.22 -15.69
CA ARG A 101 7.34 -29.75 -14.60
C ARG A 101 6.07 -29.15 -15.21
N TRP A 102 6.27 -28.30 -16.22
CA TRP A 102 5.19 -27.63 -16.91
C TRP A 102 4.24 -28.62 -17.58
N LYS A 103 4.74 -29.40 -18.52
CA LYS A 103 3.91 -30.38 -19.24
C LYS A 103 3.15 -31.30 -18.27
N GLU A 104 3.85 -31.79 -17.25
CA GLU A 104 3.24 -32.68 -16.27
C GLU A 104 2.07 -31.99 -15.54
N ILE A 105 2.35 -30.84 -14.95
CA ILE A 105 1.32 -30.10 -14.21
C ILE A 105 0.19 -29.69 -15.14
N ARG A 106 0.53 -28.92 -16.16
CA ARG A 106 -0.46 -28.43 -17.11
C ARG A 106 -1.50 -29.46 -17.54
N ARG A 107 -1.04 -30.57 -18.10
CA ARG A 107 -1.93 -31.62 -18.59
C ARG A 107 -2.92 -32.09 -17.51
N PHE A 108 -2.44 -32.28 -16.29
CA PHE A 108 -3.33 -32.71 -15.21
C PHE A 108 -4.37 -31.62 -14.93
N SER A 109 -3.90 -30.38 -14.84
CA SER A 109 -4.74 -29.24 -14.59
C SER A 109 -5.83 -29.14 -15.64
N LEU A 110 -5.44 -29.15 -16.92
CA LEU A 110 -6.40 -29.06 -18.00
C LEU A 110 -7.50 -30.14 -17.94
N THR A 111 -7.14 -31.38 -17.63
CA THR A 111 -8.16 -32.43 -17.57
C THR A 111 -9.05 -32.24 -16.36
N THR A 112 -8.46 -31.83 -15.24
CA THR A 112 -9.23 -31.60 -14.03
C THR A 112 -10.14 -30.39 -14.20
N LEU A 113 -9.71 -29.43 -15.01
CA LEU A 113 -10.51 -28.23 -15.24
C LEU A 113 -11.53 -28.38 -16.37
N ARG A 114 -11.87 -29.62 -16.70
CA ARG A 114 -12.87 -29.88 -17.73
C ARG A 114 -14.22 -29.79 -16.99
N ASN A 115 -15.29 -29.41 -17.67
CA ASN A 115 -16.59 -29.25 -17.00
C ASN A 115 -16.91 -30.36 -16.01
N PHE A 116 -16.61 -31.60 -16.36
CA PHE A 116 -16.85 -32.72 -15.48
C PHE A 116 -15.55 -33.40 -15.03
N GLY A 117 -14.49 -32.60 -14.94
CA GLY A 117 -13.19 -33.11 -14.54
C GLY A 117 -12.88 -32.98 -13.06
N MET A 118 -13.89 -32.72 -12.24
CA MET A 118 -13.68 -32.59 -10.79
C MET A 118 -14.61 -33.49 -9.97
N GLY A 119 -15.53 -34.17 -10.64
CA GLY A 119 -16.43 -35.05 -9.93
C GLY A 119 -17.86 -34.99 -10.40
N LYS A 120 -18.80 -35.21 -9.47
CA LYS A 120 -20.22 -35.20 -9.78
C LYS A 120 -20.79 -33.80 -10.04
N ARG A 121 -20.17 -32.79 -9.43
CA ARG A 121 -20.61 -31.41 -9.59
C ARG A 121 -19.84 -30.62 -10.65
N SER A 122 -20.47 -30.45 -11.81
CA SER A 122 -19.87 -29.74 -12.95
C SER A 122 -19.40 -28.33 -12.60
N ILE A 123 -18.35 -27.88 -13.28
CA ILE A 123 -17.83 -26.54 -13.04
C ILE A 123 -18.91 -25.53 -13.37
N GLU A 124 -19.68 -25.81 -14.42
CA GLU A 124 -20.76 -24.94 -14.85
C GLU A 124 -21.74 -24.70 -13.72
N ASP A 125 -22.10 -25.76 -13.02
CA ASP A 125 -23.03 -25.66 -11.90
C ASP A 125 -22.48 -24.67 -10.87
N ARG A 126 -21.17 -24.70 -10.66
CA ARG A 126 -20.52 -23.81 -9.70
C ARG A 126 -20.64 -22.34 -10.12
N VAL A 127 -20.42 -22.10 -11.41
CA VAL A 127 -20.49 -20.75 -11.93
C VAL A 127 -21.92 -20.25 -11.81
N GLN A 128 -22.88 -21.07 -12.23
CA GLN A 128 -24.28 -20.70 -12.18
C GLN A 128 -24.71 -20.28 -10.79
N GLU A 129 -24.31 -21.05 -9.78
CA GLU A 129 -24.65 -20.72 -8.40
C GLU A 129 -24.13 -19.32 -8.11
N GLU A 130 -22.90 -19.07 -8.52
CA GLU A 130 -22.25 -17.78 -8.30
C GLU A 130 -22.94 -16.67 -9.10
N ALA A 131 -23.47 -17.00 -10.26
CA ALA A 131 -24.16 -16.01 -11.08
C ALA A 131 -25.40 -15.55 -10.32
N HIS A 132 -26.06 -16.49 -9.65
CA HIS A 132 -27.24 -16.17 -8.86
C HIS A 132 -26.82 -15.30 -7.69
N CYS A 133 -25.76 -15.71 -6.99
CA CYS A 133 -25.25 -14.94 -5.86
C CYS A 133 -24.82 -13.54 -6.27
N LEU A 134 -24.22 -13.43 -7.44
CA LEU A 134 -23.76 -12.14 -7.93
C LEU A 134 -24.97 -11.23 -8.11
N VAL A 135 -25.99 -11.76 -8.76
CA VAL A 135 -27.22 -11.03 -9.02
C VAL A 135 -27.88 -10.53 -7.73
N GLU A 136 -27.90 -11.37 -6.70
CA GLU A 136 -28.51 -10.99 -5.43
C GLU A 136 -27.81 -9.77 -4.81
N GLU A 137 -26.49 -9.76 -4.81
CA GLU A 137 -25.75 -8.63 -4.24
C GLU A 137 -26.00 -7.36 -5.04
N LEU A 138 -26.26 -7.53 -6.33
CA LEU A 138 -26.53 -6.39 -7.19
C LEU A 138 -27.92 -5.81 -6.87
N ARG A 139 -28.82 -6.67 -6.38
CA ARG A 139 -30.18 -6.27 -6.00
C ARG A 139 -30.07 -5.35 -4.80
N LYS A 140 -29.22 -5.73 -3.86
CA LYS A 140 -28.99 -4.99 -2.64
C LYS A 140 -28.47 -3.56 -2.82
N THR A 141 -28.05 -3.22 -4.04
CA THR A 141 -27.57 -1.86 -4.29
C THR A 141 -28.80 -0.98 -4.51
N LYS A 142 -29.96 -1.64 -4.53
CA LYS A 142 -31.27 -0.99 -4.69
C LYS A 142 -31.42 -0.03 -5.87
N ALA A 143 -30.66 -0.26 -6.93
CA ALA A 143 -30.68 0.58 -8.13
C ALA A 143 -29.96 1.90 -7.93
N SER A 144 -29.22 2.00 -6.84
CA SER A 144 -28.47 3.21 -6.56
C SER A 144 -27.18 3.22 -7.39
N PRO A 145 -26.56 4.39 -7.58
CA PRO A 145 -25.33 4.37 -8.35
C PRO A 145 -24.26 3.65 -7.51
N CYS A 146 -23.30 3.01 -8.20
CA CYS A 146 -22.21 2.31 -7.51
C CYS A 146 -21.03 1.99 -8.44
N ASP A 147 -19.93 1.58 -7.82
CA ASP A 147 -18.72 1.19 -8.53
C ASP A 147 -18.74 -0.33 -8.45
N PRO A 148 -18.96 -0.99 -9.60
CA PRO A 148 -19.01 -2.45 -9.63
C PRO A 148 -17.70 -3.21 -9.44
N THR A 149 -16.58 -2.48 -9.37
CA THR A 149 -15.26 -3.09 -9.20
C THR A 149 -15.21 -4.23 -8.18
N PHE A 150 -15.55 -3.92 -6.93
CA PHE A 150 -15.50 -4.92 -5.86
C PHE A 150 -16.47 -6.08 -6.01
N ILE A 151 -17.75 -5.77 -6.18
CA ILE A 151 -18.76 -6.81 -6.29
C ILE A 151 -18.47 -7.76 -7.45
N LEU A 152 -18.23 -7.19 -8.62
CA LEU A 152 -17.92 -7.97 -9.80
C LEU A 152 -16.66 -8.79 -9.55
N GLY A 153 -15.71 -8.21 -8.80
CA GLY A 153 -14.46 -8.89 -8.49
C GLY A 153 -14.64 -10.17 -7.69
N CYS A 154 -15.58 -10.14 -6.74
CA CYS A 154 -15.85 -11.29 -5.88
C CYS A 154 -16.28 -12.54 -6.65
N ALA A 155 -17.15 -12.36 -7.62
CA ALA A 155 -17.64 -13.48 -8.38
C ALA A 155 -16.54 -14.41 -8.92
N PRO A 156 -15.65 -13.92 -9.82
CA PRO A 156 -14.58 -14.76 -10.36
C PRO A 156 -13.71 -15.41 -9.30
N CYS A 157 -13.20 -14.59 -8.37
CA CYS A 157 -12.35 -15.10 -7.28
C CYS A 157 -13.03 -16.20 -6.47
N ASN A 158 -14.35 -16.11 -6.34
CA ASN A 158 -15.10 -17.11 -5.59
C ASN A 158 -15.25 -18.36 -6.46
N VAL A 159 -15.30 -18.18 -7.77
CA VAL A 159 -15.40 -19.27 -8.73
C VAL A 159 -14.18 -20.17 -8.55
N ILE A 160 -13.00 -19.56 -8.55
CA ILE A 160 -11.79 -20.32 -8.35
C ILE A 160 -11.88 -20.99 -6.97
N CYS A 161 -12.29 -20.23 -5.96
CA CYS A 161 -12.45 -20.77 -4.60
C CYS A 161 -13.35 -22.00 -4.61
N SER A 162 -14.47 -21.90 -5.31
CA SER A 162 -15.41 -23.01 -5.41
C SER A 162 -14.73 -24.20 -6.10
N VAL A 163 -13.96 -23.90 -7.14
CA VAL A 163 -13.24 -24.91 -7.93
C VAL A 163 -12.03 -25.50 -7.23
N VAL A 164 -11.44 -24.75 -6.31
CA VAL A 164 -10.27 -25.23 -5.60
C VAL A 164 -10.55 -25.80 -4.21
N PHE A 165 -11.57 -25.29 -3.52
CA PHE A 165 -11.89 -25.75 -2.16
C PHE A 165 -13.22 -26.49 -1.99
N GLN A 166 -13.91 -26.78 -3.10
CA GLN A 166 -15.20 -27.48 -3.09
C GLN A 166 -16.31 -26.85 -2.24
N LYS A 167 -16.33 -25.52 -2.21
CA LYS A 167 -17.33 -24.78 -1.45
C LYS A 167 -17.06 -23.30 -1.65
N ARG A 168 -18.09 -22.57 -2.05
CA ARG A 168 -17.91 -21.14 -2.24
C ARG A 168 -17.86 -20.47 -0.87
N PHE A 169 -17.34 -19.26 -0.82
CA PHE A 169 -17.29 -18.51 0.42
C PHE A 169 -18.50 -17.59 0.42
N ASP A 170 -18.92 -17.18 1.62
CA ASP A 170 -20.02 -16.24 1.69
C ASP A 170 -19.33 -14.90 1.54
N TYR A 171 -19.81 -14.06 0.64
CA TYR A 171 -19.20 -12.76 0.39
C TYR A 171 -18.75 -12.00 1.65
N LYS A 172 -19.24 -12.41 2.82
CA LYS A 172 -18.89 -11.75 4.08
C LYS A 172 -17.90 -12.49 4.97
N ASP A 173 -17.59 -13.74 4.62
CA ASP A 173 -16.62 -14.54 5.37
C ASP A 173 -15.33 -13.74 5.39
N GLN A 174 -14.79 -13.47 6.58
CA GLN A 174 -13.57 -12.69 6.68
C GLN A 174 -12.39 -13.38 6.02
N ASN A 175 -12.46 -14.71 5.95
CA ASN A 175 -11.41 -15.50 5.32
C ASN A 175 -11.43 -15.27 3.80
N PHE A 176 -12.62 -15.06 3.26
CA PHE A 176 -12.80 -14.81 1.83
C PHE A 176 -12.31 -13.41 1.47
N LEU A 177 -12.53 -12.45 2.35
CA LEU A 177 -12.13 -11.06 2.11
C LEU A 177 -10.65 -10.72 2.19
N THR A 178 -9.95 -11.24 3.20
CA THR A 178 -8.52 -10.95 3.32
C THR A 178 -7.80 -11.68 2.18
N LEU A 179 -8.24 -12.91 1.92
CA LEU A 179 -7.68 -13.72 0.86
C LEU A 179 -7.82 -12.99 -0.48
N MET A 180 -9.01 -12.48 -0.77
CA MET A 180 -9.26 -11.76 -2.02
C MET A 180 -8.53 -10.43 -2.13
N LYS A 181 -8.47 -9.68 -1.03
CA LYS A 181 -7.82 -8.39 -1.04
C LYS A 181 -6.31 -8.54 -1.07
N ARG A 182 -5.85 -9.77 -0.78
CA ARG A 182 -4.45 -10.08 -0.79
C ARG A 182 -4.00 -10.24 -2.25
N PHE A 183 -4.77 -11.02 -3.02
CA PHE A 183 -4.48 -11.26 -4.43
C PHE A 183 -4.64 -9.99 -5.25
N ASN A 184 -5.57 -9.15 -4.84
CA ASN A 184 -5.84 -7.88 -5.51
C ASN A 184 -4.69 -6.91 -5.26
N GLU A 185 -3.99 -7.09 -4.14
CA GLU A 185 -2.87 -6.23 -3.78
C GLU A 185 -1.66 -6.56 -4.64
N ASN A 186 -1.25 -7.82 -4.62
CA ASN A 186 -0.08 -8.24 -5.39
C ASN A 186 -0.32 -7.95 -6.86
N PHE A 187 -1.52 -8.24 -7.34
CA PHE A 187 -1.86 -8.00 -8.72
C PHE A 187 -1.58 -6.54 -9.04
N ARG A 188 -2.21 -5.66 -8.26
CA ARG A 188 -2.07 -4.21 -8.42
C ARG A 188 -0.59 -3.80 -8.45
N ILE A 189 0.19 -4.33 -7.50
CA ILE A 189 1.63 -4.02 -7.42
C ILE A 189 2.42 -4.53 -8.63
N LEU A 190 2.31 -5.84 -8.90
CA LEU A 190 3.01 -6.48 -10.01
C LEU A 190 2.55 -5.97 -11.36
N ASN A 191 1.52 -5.13 -11.37
CA ASN A 191 1.04 -4.59 -12.62
C ASN A 191 1.55 -3.17 -12.78
N SER A 192 2.46 -2.80 -11.90
CA SER A 192 3.05 -1.47 -11.93
C SER A 192 4.22 -1.41 -12.92
N PRO A 193 4.37 -0.31 -13.66
CA PRO A 193 5.45 -0.14 -14.62
C PRO A 193 6.82 -0.25 -13.94
N TRP A 194 6.84 -0.01 -12.64
CA TRP A 194 8.08 -0.10 -11.87
C TRP A 194 8.60 -1.52 -11.80
N ILE A 195 7.74 -2.52 -12.00
CA ILE A 195 8.23 -3.89 -11.95
C ILE A 195 8.97 -4.18 -13.26
N GLN A 196 8.58 -3.46 -14.31
CA GLN A 196 9.19 -3.62 -15.60
C GLN A 196 10.59 -2.99 -15.62
N VAL A 197 10.94 -2.25 -14.57
CA VAL A 197 12.27 -1.65 -14.50
C VAL A 197 13.11 -2.33 -13.42
N CYS A 198 12.44 -2.94 -12.46
CA CYS A 198 13.12 -3.63 -11.38
C CYS A 198 13.54 -5.04 -11.80
N ASN A 199 12.91 -5.56 -12.86
CA ASN A 199 13.25 -6.88 -13.36
C ASN A 199 14.50 -6.81 -14.22
N ASN A 200 14.67 -5.71 -14.93
CA ASN A 200 15.84 -5.52 -15.79
C ASN A 200 16.99 -4.80 -15.07
N PHE A 201 16.74 -4.38 -13.83
CA PHE A 201 17.72 -3.70 -12.99
C PHE A 201 17.42 -4.14 -11.57
N PRO A 202 17.73 -5.41 -11.25
CA PRO A 202 17.53 -6.04 -9.93
C PRO A 202 17.98 -5.25 -8.70
N LEU A 203 18.75 -4.18 -8.91
CA LEU A 203 19.24 -3.37 -7.80
C LEU A 203 18.16 -2.43 -7.26
N LEU A 204 17.27 -1.97 -8.13
CA LEU A 204 16.20 -1.06 -7.71
C LEU A 204 15.21 -1.63 -6.72
N ILE A 205 15.17 -2.94 -6.56
CA ILE A 205 14.25 -3.56 -5.58
C ILE A 205 14.54 -2.96 -4.20
N ASP A 206 15.79 -2.54 -4.00
CA ASP A 206 16.25 -1.92 -2.76
C ASP A 206 15.54 -0.60 -2.45
N CYS A 207 15.03 0.06 -3.50
CA CYS A 207 14.34 1.34 -3.34
C CYS A 207 12.85 1.23 -2.96
N PHE A 208 12.34 -0.01 -2.86
CA PHE A 208 10.94 -0.25 -2.50
C PHE A 208 10.85 -1.33 -1.44
N PRO A 209 11.44 -1.08 -0.26
CA PRO A 209 11.43 -2.04 0.85
C PRO A 209 10.02 -2.34 1.38
N GLY A 210 9.16 -1.31 1.35
CA GLY A 210 7.80 -1.46 1.83
C GLY A 210 6.98 -2.31 0.87
N THR A 211 7.02 -1.94 -0.40
CA THR A 211 6.30 -2.69 -1.43
C THR A 211 6.79 -4.12 -1.50
N HIS A 212 8.12 -4.25 -1.55
CA HIS A 212 8.78 -5.54 -1.61
C HIS A 212 8.32 -6.43 -0.45
N ASN A 213 8.30 -5.83 0.73
CA ASN A 213 7.89 -6.52 1.95
C ASN A 213 6.43 -6.94 1.92
N LYS A 214 5.59 -6.05 1.39
CA LYS A 214 4.17 -6.32 1.28
C LYS A 214 3.92 -7.54 0.38
N VAL A 215 4.60 -7.58 -0.76
CA VAL A 215 4.45 -8.68 -1.68
C VAL A 215 4.88 -10.01 -1.08
N LEU A 216 6.02 -10.03 -0.39
CA LEU A 216 6.51 -11.25 0.23
C LEU A 216 5.63 -11.71 1.37
N LYS A 217 5.10 -10.77 2.14
CA LYS A 217 4.22 -11.12 3.24
C LYS A 217 2.87 -11.58 2.70
N ASN A 218 2.44 -10.97 1.58
CA ASN A 218 1.18 -11.34 0.96
C ASN A 218 1.26 -12.74 0.37
N VAL A 219 2.45 -13.10 -0.10
CA VAL A 219 2.66 -14.42 -0.69
C VAL A 219 2.79 -15.47 0.41
N ALA A 220 3.50 -15.14 1.47
CA ALA A 220 3.70 -16.06 2.59
C ALA A 220 2.37 -16.53 3.17
N LEU A 221 1.53 -15.57 3.56
CA LEU A 221 0.22 -15.86 4.16
C LEU A 221 -0.75 -16.60 3.25
N THR A 222 -0.66 -16.34 1.95
CA THR A 222 -1.53 -17.02 0.98
C THR A 222 -1.08 -18.47 0.84
N ARG A 223 0.23 -18.68 0.69
CA ARG A 223 0.76 -20.04 0.58
C ARG A 223 0.41 -20.74 1.89
N SER A 224 0.85 -20.15 2.99
CA SER A 224 0.62 -20.72 4.32
C SER A 224 -0.85 -21.08 4.55
N TYR A 225 -1.76 -20.28 4.00
CA TYR A 225 -3.18 -20.54 4.15
C TYR A 225 -3.55 -21.77 3.32
N ILE A 226 -3.14 -21.78 2.07
CA ILE A 226 -3.42 -22.91 1.19
C ILE A 226 -2.93 -24.24 1.78
N ARG A 227 -1.75 -24.23 2.42
CA ARG A 227 -1.21 -25.45 3.03
C ARG A 227 -2.20 -26.06 4.02
N GLU A 228 -2.66 -25.24 4.97
CA GLU A 228 -3.62 -25.67 5.98
C GLU A 228 -4.85 -26.22 5.26
N LYS A 229 -5.31 -25.47 4.27
CA LYS A 229 -6.48 -25.84 3.50
C LYS A 229 -6.29 -27.19 2.80
N VAL A 230 -5.06 -27.48 2.38
CA VAL A 230 -4.73 -28.75 1.71
C VAL A 230 -4.78 -29.90 2.69
N LYS A 231 -4.27 -29.66 3.90
CA LYS A 231 -4.26 -30.67 4.93
C LYS A 231 -5.65 -31.10 5.37
N GLU A 232 -6.57 -30.15 5.55
CA GLU A 232 -7.92 -30.50 5.99
C GLU A 232 -8.75 -31.26 4.93
N HIS A 233 -8.18 -31.34 3.72
CA HIS A 233 -8.82 -32.07 2.63
C HIS A 233 -8.33 -33.52 2.68
N GLN A 234 -7.06 -33.70 3.08
CA GLN A 234 -6.45 -35.03 3.19
C GLN A 234 -7.13 -35.87 4.27
N ALA A 235 -7.37 -35.25 5.43
CA ALA A 235 -8.01 -35.92 6.56
C ALA A 235 -9.48 -36.24 6.32
N SER A 236 -9.99 -35.89 5.14
CA SER A 236 -11.38 -36.16 4.76
C SER A 236 -11.44 -36.57 3.29
N LEU A 237 -10.35 -37.16 2.82
CA LEU A 237 -10.22 -37.62 1.43
C LEU A 237 -10.90 -38.94 1.12
N ASP A 238 -11.99 -38.86 0.35
CA ASP A 238 -12.73 -40.03 -0.08
C ASP A 238 -12.34 -40.23 -1.54
N VAL A 239 -11.22 -40.96 -1.74
CA VAL A 239 -10.66 -41.23 -3.06
C VAL A 239 -11.61 -41.77 -4.12
N ASN A 240 -12.68 -42.44 -3.70
CA ASN A 240 -13.65 -43.00 -4.65
C ASN A 240 -14.22 -41.89 -5.53
N ASN A 241 -14.68 -40.82 -4.90
CA ASN A 241 -15.24 -39.69 -5.63
C ASN A 241 -14.74 -38.34 -5.08
N PRO A 242 -13.84 -37.68 -5.82
CA PRO A 242 -13.24 -36.40 -5.47
C PRO A 242 -14.27 -35.28 -5.38
N ARG A 243 -13.93 -34.26 -4.60
CA ARG A 243 -14.81 -33.12 -4.40
C ARG A 243 -14.40 -31.92 -5.25
N ASP A 244 -13.10 -31.69 -5.35
CA ASP A 244 -12.55 -30.54 -6.08
C ASP A 244 -11.16 -30.74 -6.68
N PHE A 245 -10.55 -29.64 -7.11
CA PHE A 245 -9.21 -29.66 -7.69
C PHE A 245 -8.19 -30.15 -6.67
N ILE A 246 -8.41 -29.84 -5.39
CA ILE A 246 -7.48 -30.27 -4.35
C ILE A 246 -7.47 -31.79 -4.20
N ASP A 247 -8.64 -32.40 -4.13
CA ASP A 247 -8.71 -33.85 -4.00
C ASP A 247 -8.05 -34.53 -5.19
N CYS A 248 -8.39 -34.09 -6.41
CA CYS A 248 -7.83 -34.66 -7.64
C CYS A 248 -6.30 -34.72 -7.66
N PHE A 249 -5.67 -33.65 -7.20
CA PHE A 249 -4.21 -33.55 -7.16
C PHE A 249 -3.68 -34.45 -6.05
N LEU A 250 -4.41 -34.55 -4.95
CA LEU A 250 -3.99 -35.38 -3.83
C LEU A 250 -4.00 -36.85 -4.22
N ILE A 251 -4.99 -37.23 -5.02
CA ILE A 251 -5.10 -38.59 -5.52
C ILE A 251 -3.93 -38.90 -6.45
N LYS A 252 -3.57 -37.92 -7.29
CA LYS A 252 -2.46 -38.09 -8.22
C LYS A 252 -1.18 -38.30 -7.42
N MET A 253 -1.00 -37.53 -6.35
CA MET A 253 0.19 -37.64 -5.52
C MET A 253 0.33 -39.04 -4.93
N GLU A 254 -0.80 -39.66 -4.64
CA GLU A 254 -0.85 -40.99 -4.04
C GLU A 254 -0.09 -42.04 -4.85
N GLN A 255 -0.41 -42.14 -6.13
CA GLN A 255 0.22 -43.12 -7.01
C GLN A 255 1.63 -42.74 -7.46
N GLU A 256 2.23 -41.81 -6.73
CA GLU A 256 3.60 -41.40 -7.00
C GLU A 256 4.48 -41.79 -5.82
N LYS A 257 3.90 -42.70 -5.04
CA LYS A 257 4.56 -43.31 -3.94
C LYS A 257 5.96 -43.73 -4.40
N ASP A 258 6.07 -44.27 -5.59
CA ASP A 258 7.42 -44.64 -6.04
C ASP A 258 8.18 -43.36 -6.51
N ASN A 259 8.00 -42.99 -7.79
CA ASN A 259 8.48 -41.84 -8.66
C ASN A 259 9.56 -40.80 -8.26
N GLN A 260 9.45 -40.34 -7.04
CA GLN A 260 10.23 -39.28 -6.32
C GLN A 260 11.18 -38.42 -7.11
N LYS A 261 10.44 -37.80 -8.00
CA LYS A 261 10.79 -36.77 -8.92
C LYS A 261 9.49 -36.33 -9.52
N SER A 262 8.43 -37.10 -9.37
CA SER A 262 7.25 -36.59 -9.98
C SER A 262 6.88 -35.29 -9.33
N GLU A 263 6.50 -34.37 -10.19
CA GLU A 263 6.11 -33.06 -9.82
C GLU A 263 4.83 -33.03 -8.99
N PHE A 264 4.15 -34.18 -8.82
CA PHE A 264 2.93 -34.22 -8.01
C PHE A 264 3.23 -34.42 -6.52
N ASN A 265 3.58 -33.32 -5.87
CA ASN A 265 3.94 -33.27 -4.45
C ASN A 265 3.21 -32.07 -3.85
N ILE A 266 3.33 -31.89 -2.53
CA ILE A 266 2.68 -30.77 -1.84
C ILE A 266 3.16 -29.43 -2.36
N GLU A 267 4.48 -29.28 -2.47
CA GLU A 267 5.09 -28.03 -2.93
C GLU A 267 4.50 -27.50 -4.24
N ASN A 268 4.20 -28.40 -5.18
CA ASN A 268 3.62 -28.00 -6.45
C ASN A 268 2.11 -27.77 -6.35
N LEU A 269 1.45 -28.53 -5.47
CA LEU A 269 0.00 -28.40 -5.27
C LEU A 269 -0.37 -26.96 -4.91
N VAL A 270 0.16 -26.48 -3.79
CA VAL A 270 -0.08 -25.13 -3.31
C VAL A 270 0.20 -24.09 -4.39
N GLY A 271 1.36 -24.21 -5.03
CA GLY A 271 1.77 -23.30 -6.08
C GLY A 271 0.83 -23.29 -7.27
N THR A 272 0.39 -24.48 -7.67
CA THR A 272 -0.51 -24.61 -8.81
C THR A 272 -1.87 -23.97 -8.45
N VAL A 273 -2.31 -24.14 -7.21
CA VAL A 273 -3.58 -23.57 -6.74
C VAL A 273 -3.51 -22.05 -6.76
N ALA A 274 -2.45 -21.50 -6.18
CA ALA A 274 -2.28 -20.06 -6.15
C ALA A 274 -2.25 -19.50 -7.58
N ASP A 275 -1.83 -20.34 -8.53
CA ASP A 275 -1.78 -19.92 -9.92
C ASP A 275 -3.19 -19.81 -10.52
N LEU A 276 -4.11 -20.65 -10.06
CA LEU A 276 -5.48 -20.57 -10.56
C LEU A 276 -6.06 -19.22 -10.12
N PHE A 277 -5.70 -18.82 -8.90
CA PHE A 277 -6.15 -17.55 -8.33
C PHE A 277 -5.49 -16.36 -9.02
N VAL A 278 -4.18 -16.42 -9.23
CA VAL A 278 -3.46 -15.31 -9.87
C VAL A 278 -3.86 -15.08 -11.32
N ALA A 279 -4.08 -16.16 -12.05
CA ALA A 279 -4.44 -16.06 -13.45
C ALA A 279 -5.93 -15.98 -13.75
N GLY A 280 -6.77 -16.63 -12.93
CA GLY A 280 -8.20 -16.63 -13.19
C GLY A 280 -9.12 -15.66 -12.47
N THR A 281 -8.56 -14.83 -11.60
CA THR A 281 -9.34 -13.89 -10.83
C THR A 281 -9.39 -12.49 -11.41
N GLU A 282 -8.29 -11.74 -11.27
CA GLU A 282 -8.25 -10.37 -11.74
C GLU A 282 -8.46 -10.16 -13.22
N THR A 283 -8.23 -11.22 -13.98
CA THR A 283 -8.39 -11.16 -15.42
C THR A 283 -9.86 -11.13 -15.83
N THR A 284 -10.63 -12.07 -15.33
CA THR A 284 -12.05 -12.16 -15.63
C THR A 284 -12.71 -10.92 -15.09
N SER A 285 -12.31 -10.55 -13.88
CA SER A 285 -12.83 -9.40 -13.19
C SER A 285 -12.73 -8.17 -14.07
N THR A 286 -11.54 -7.90 -14.58
CA THR A 286 -11.37 -6.74 -15.43
C THR A 286 -12.23 -6.79 -16.68
N THR A 287 -12.57 -7.99 -17.16
CA THR A 287 -13.34 -8.10 -18.41
C THR A 287 -14.84 -7.93 -18.19
N LEU A 288 -15.34 -8.52 -17.12
CA LEU A 288 -16.74 -8.36 -16.76
C LEU A 288 -16.88 -6.84 -16.53
N ARG A 289 -15.88 -6.26 -15.85
CA ARG A 289 -15.88 -4.83 -15.60
C ARG A 289 -15.94 -4.07 -16.91
N TYR A 290 -15.00 -4.33 -17.83
CA TYR A 290 -14.95 -3.65 -19.13
C TYR A 290 -16.17 -4.01 -19.98
N GLY A 291 -16.72 -5.19 -19.72
CA GLY A 291 -17.89 -5.63 -20.46
C GLY A 291 -19.12 -4.80 -20.12
N LEU A 292 -19.43 -4.68 -18.84
CA LEU A 292 -20.59 -3.90 -18.39
C LEU A 292 -20.45 -2.47 -18.86
N LEU A 293 -19.24 -1.94 -18.78
CA LEU A 293 -18.99 -0.57 -19.21
C LEU A 293 -19.32 -0.37 -20.67
N LEU A 294 -19.08 -1.39 -21.48
CA LEU A 294 -19.36 -1.26 -22.91
C LEU A 294 -20.85 -1.43 -23.17
N LEU A 295 -21.47 -2.30 -22.36
CA LEU A 295 -22.89 -2.57 -22.48
C LEU A 295 -23.69 -1.31 -22.05
N LEU A 296 -23.16 -0.62 -21.04
CA LEU A 296 -23.72 0.61 -20.50
C LEU A 296 -23.65 1.67 -21.58
N LYS A 297 -22.48 1.82 -22.19
CA LYS A 297 -22.24 2.81 -23.25
C LYS A 297 -23.01 2.46 -24.53
N HIS A 298 -23.32 1.19 -24.71
CA HIS A 298 -24.02 0.75 -25.92
C HIS A 298 -25.36 0.06 -25.60
N PRO A 299 -26.42 0.86 -25.37
CA PRO A 299 -27.79 0.44 -25.05
C PRO A 299 -28.41 -0.45 -26.13
N GLU A 300 -28.27 -0.03 -27.39
CA GLU A 300 -28.80 -0.80 -28.52
C GLU A 300 -28.26 -2.21 -28.48
N VAL A 301 -26.95 -2.33 -28.24
CA VAL A 301 -26.29 -3.63 -28.16
C VAL A 301 -26.91 -4.41 -27.01
N THR A 302 -26.90 -3.81 -25.82
CA THR A 302 -27.46 -4.45 -24.62
C THR A 302 -28.92 -4.89 -24.85
N ALA A 303 -29.67 -4.10 -25.60
CA ALA A 303 -31.03 -4.47 -25.87
C ALA A 303 -31.02 -5.82 -26.57
N LYS A 304 -30.40 -5.86 -27.76
CA LYS A 304 -30.31 -7.10 -28.56
C LYS A 304 -29.85 -8.30 -27.76
N VAL A 305 -28.89 -8.11 -26.85
CA VAL A 305 -28.45 -9.25 -26.04
C VAL A 305 -29.63 -9.68 -25.19
N GLN A 306 -30.29 -8.70 -24.60
CA GLN A 306 -31.46 -8.92 -23.76
C GLN A 306 -32.58 -9.58 -24.57
N GLU A 307 -32.71 -9.18 -25.84
CA GLU A 307 -33.70 -9.76 -26.74
C GLU A 307 -33.43 -11.24 -27.05
N GLU A 308 -32.17 -11.64 -27.07
CA GLU A 308 -31.80 -13.01 -27.36
C GLU A 308 -32.00 -13.82 -26.12
N ILE A 309 -31.63 -13.26 -24.97
CA ILE A 309 -31.80 -13.95 -23.69
C ILE A 309 -33.27 -14.29 -23.44
N ASP A 310 -34.14 -13.35 -23.75
CA ASP A 310 -35.55 -13.57 -23.55
C ASP A 310 -36.06 -14.70 -24.43
N HIS A 311 -35.67 -14.65 -25.71
CA HIS A 311 -36.11 -15.66 -26.65
C HIS A 311 -35.60 -17.06 -26.37
N VAL A 312 -34.29 -17.19 -26.22
CA VAL A 312 -33.69 -18.51 -26.02
C VAL A 312 -33.76 -19.08 -24.61
N ILE A 313 -33.69 -18.21 -23.62
CA ILE A 313 -33.68 -18.64 -22.23
C ILE A 313 -34.97 -18.40 -21.48
N GLY A 314 -35.52 -17.21 -21.63
CA GLY A 314 -36.76 -16.87 -20.95
C GLY A 314 -36.50 -15.99 -19.76
N ARG A 315 -37.49 -15.86 -18.89
CA ARG A 315 -37.33 -15.00 -17.72
C ARG A 315 -37.31 -15.80 -16.42
N HIS A 316 -37.25 -17.12 -16.55
CA HIS A 316 -37.29 -17.99 -15.37
C HIS A 316 -36.06 -18.84 -15.08
N ARG A 317 -35.55 -19.58 -16.07
CA ARG A 317 -34.38 -20.42 -15.81
C ARG A 317 -33.08 -19.64 -15.97
N SER A 318 -32.04 -20.11 -15.30
CA SER A 318 -30.73 -19.48 -15.38
C SER A 318 -30.03 -19.83 -16.70
N PRO A 319 -29.21 -18.92 -17.24
CA PRO A 319 -28.52 -19.23 -18.49
C PRO A 319 -27.42 -20.25 -18.26
N CYS A 320 -27.21 -21.10 -19.25
CA CYS A 320 -26.20 -22.15 -19.21
C CYS A 320 -25.40 -22.10 -20.51
N MET A 321 -24.30 -22.83 -20.56
CA MET A 321 -23.45 -22.83 -21.74
C MET A 321 -24.09 -23.32 -23.03
N GLN A 322 -25.10 -24.18 -22.94
CA GLN A 322 -25.76 -24.69 -24.14
C GLN A 322 -26.49 -23.62 -24.92
N ASP A 323 -26.84 -22.54 -24.25
CA ASP A 323 -27.57 -21.45 -24.89
C ASP A 323 -26.71 -20.67 -25.85
N ARG A 324 -25.39 -20.65 -25.59
CA ARG A 324 -24.44 -19.91 -26.41
C ARG A 324 -24.49 -20.26 -27.90
N SER A 325 -24.70 -21.52 -28.22
CA SER A 325 -24.77 -21.92 -29.62
C SER A 325 -26.06 -21.47 -30.30
N HIS A 326 -26.99 -20.91 -29.52
CA HIS A 326 -28.27 -20.44 -30.04
C HIS A 326 -28.41 -18.93 -29.90
N MET A 327 -27.36 -18.30 -29.41
CA MET A 327 -27.32 -16.85 -29.20
C MET A 327 -26.10 -16.23 -29.88
N PRO A 328 -26.03 -16.26 -31.22
CA PRO A 328 -24.93 -15.72 -32.02
C PRO A 328 -24.50 -14.30 -31.69
N TYR A 329 -25.48 -13.42 -31.47
CA TYR A 329 -25.18 -12.03 -31.17
C TYR A 329 -24.54 -11.89 -29.81
N THR A 330 -25.00 -12.69 -28.87
CA THR A 330 -24.46 -12.59 -27.53
C THR A 330 -23.02 -13.08 -27.56
N ASP A 331 -22.77 -14.07 -28.41
CA ASP A 331 -21.44 -14.64 -28.56
C ASP A 331 -20.47 -13.61 -29.09
N ALA A 332 -20.94 -12.84 -30.07
CA ALA A 332 -20.15 -11.80 -30.69
C ALA A 332 -19.90 -10.62 -29.77
N VAL A 333 -20.83 -10.38 -28.83
CA VAL A 333 -20.67 -9.28 -27.89
C VAL A 333 -19.53 -9.65 -26.93
N VAL A 334 -19.57 -10.88 -26.42
CA VAL A 334 -18.53 -11.33 -25.51
C VAL A 334 -17.17 -11.33 -26.23
N HIS A 335 -17.15 -11.87 -27.44
CA HIS A 335 -15.92 -11.89 -28.22
C HIS A 335 -15.45 -10.45 -28.40
N GLU A 336 -16.31 -9.58 -28.92
CA GLU A 336 -15.92 -8.19 -29.13
C GLU A 336 -15.58 -7.48 -27.83
N ILE A 337 -16.02 -8.03 -26.72
CA ILE A 337 -15.72 -7.40 -25.45
C ILE A 337 -14.26 -7.68 -25.19
N GLN A 338 -13.87 -8.95 -25.26
CA GLN A 338 -12.48 -9.37 -25.04
C GLN A 338 -11.51 -8.74 -26.03
N ARG A 339 -11.92 -8.65 -27.29
CA ARG A 339 -11.08 -8.04 -28.31
C ARG A 339 -10.84 -6.59 -28.00
N TYR A 340 -11.90 -5.80 -27.88
CA TYR A 340 -11.82 -4.35 -27.59
C TYR A 340 -11.04 -4.17 -26.28
N SER A 341 -11.42 -4.96 -25.29
CA SER A 341 -10.82 -4.97 -23.95
C SER A 341 -9.28 -5.00 -24.03
N ASP A 342 -8.74 -5.91 -24.86
CA ASP A 342 -7.30 -6.07 -25.10
C ASP A 342 -6.63 -6.17 -23.75
N LEU A 343 -7.17 -7.07 -22.92
CA LEU A 343 -6.71 -7.28 -21.56
C LEU A 343 -5.19 -7.26 -21.37
N VAL A 344 -4.50 -8.13 -22.11
CA VAL A 344 -3.04 -8.27 -22.06
C VAL A 344 -2.53 -7.89 -23.44
N PRO A 345 -2.24 -6.61 -23.66
CA PRO A 345 -1.76 -6.11 -24.96
C PRO A 345 -0.51 -6.82 -25.54
N THR A 346 0.53 -6.94 -24.72
CA THR A 346 1.78 -7.56 -25.13
C THR A 346 1.83 -9.06 -24.87
N GLY A 347 0.75 -9.62 -24.34
CA GLY A 347 0.74 -11.04 -24.02
C GLY A 347 1.69 -11.23 -22.86
N VAL A 348 1.78 -12.45 -22.33
CA VAL A 348 2.71 -12.71 -21.22
C VAL A 348 4.07 -13.06 -21.84
N PRO A 349 5.18 -12.61 -21.23
CA PRO A 349 6.50 -12.92 -21.79
C PRO A 349 6.85 -14.40 -21.87
N HIS A 350 7.25 -14.84 -23.06
CA HIS A 350 7.67 -16.22 -23.31
C HIS A 350 9.19 -16.27 -23.46
N ALA A 351 9.71 -17.48 -23.69
CA ALA A 351 11.14 -17.74 -23.91
C ALA A 351 11.28 -19.01 -24.75
N VAL A 352 12.27 -19.02 -25.65
CA VAL A 352 12.51 -20.18 -26.52
C VAL A 352 13.25 -21.32 -25.79
N THR A 353 12.85 -22.56 -26.06
CA THR A 353 13.44 -23.74 -25.42
C THR A 353 14.90 -24.06 -25.79
N THR A 354 15.26 -23.81 -27.05
CA THR A 354 16.61 -24.05 -27.54
C THR A 354 16.94 -22.90 -28.46
N ASP A 355 18.09 -22.96 -29.10
CA ASP A 355 18.46 -21.91 -30.03
C ASP A 355 17.52 -22.14 -31.21
N THR A 356 16.70 -21.13 -31.52
CA THR A 356 15.69 -21.25 -32.57
C THR A 356 15.95 -20.38 -33.79
N LYS A 357 15.51 -20.87 -34.94
CA LYS A 357 15.68 -20.14 -36.19
C LYS A 357 14.32 -19.61 -36.59
N PHE A 358 14.26 -18.31 -36.84
CA PHE A 358 13.02 -17.68 -37.26
C PHE A 358 13.32 -16.87 -38.51
N ARG A 359 12.81 -17.37 -39.64
CA ARG A 359 13.00 -16.75 -40.94
C ARG A 359 14.19 -15.79 -41.05
N ASN A 360 15.37 -16.36 -41.30
CA ASN A 360 16.64 -15.63 -41.45
C ASN A 360 17.30 -15.22 -40.14
N TYR A 361 16.69 -15.53 -39.01
CA TYR A 361 17.25 -15.13 -37.71
C TYR A 361 17.45 -16.30 -36.76
N LEU A 362 18.25 -16.07 -35.72
CA LEU A 362 18.52 -17.09 -34.74
C LEU A 362 18.37 -16.53 -33.32
N ILE A 363 17.52 -17.18 -32.54
CA ILE A 363 17.22 -16.75 -31.19
C ILE A 363 17.81 -17.75 -30.21
N PRO A 364 18.83 -17.33 -29.48
CA PRO A 364 19.49 -18.20 -28.51
C PRO A 364 18.59 -18.66 -27.38
N LYS A 365 18.64 -19.96 -27.09
CA LYS A 365 17.87 -20.58 -26.01
C LYS A 365 17.74 -19.68 -24.77
N GLY A 366 16.50 -19.41 -24.37
CA GLY A 366 16.25 -18.57 -23.21
C GLY A 366 16.04 -17.09 -23.49
N THR A 367 15.93 -16.68 -24.75
CA THR A 367 15.69 -15.27 -25.04
C THR A 367 14.23 -14.91 -24.73
N THR A 368 14.03 -13.69 -24.25
CA THR A 368 12.70 -13.22 -23.90
C THR A 368 11.87 -12.94 -25.15
N ILE A 369 10.70 -13.58 -25.20
CA ILE A 369 9.78 -13.46 -26.34
C ILE A 369 8.52 -12.66 -25.99
N MET A 370 8.19 -11.73 -26.87
CA MET A 370 7.03 -10.88 -26.66
C MET A 370 6.12 -10.95 -27.88
N ALA A 371 5.11 -11.82 -27.82
CA ALA A 371 4.14 -11.91 -28.94
C ALA A 371 3.10 -10.80 -28.75
N LEU A 372 3.01 -9.88 -29.70
CA LEU A 372 2.05 -8.79 -29.53
C LEU A 372 0.59 -9.05 -29.87
N LEU A 373 -0.12 -9.63 -28.91
CA LEU A 373 -1.56 -9.90 -29.03
C LEU A 373 -2.38 -8.68 -29.55
N THR A 374 -2.05 -7.49 -29.05
CA THR A 374 -2.75 -6.28 -29.48
C THR A 374 -2.73 -6.12 -30.98
N SER A 375 -1.61 -6.48 -31.61
CA SER A 375 -1.46 -6.32 -33.05
C SER A 375 -2.36 -7.27 -33.84
N VAL A 376 -2.62 -8.44 -33.27
CA VAL A 376 -3.47 -9.41 -33.92
C VAL A 376 -4.93 -8.91 -33.79
N LEU A 377 -5.36 -8.73 -32.55
CA LEU A 377 -6.69 -8.27 -32.20
C LEU A 377 -7.09 -6.97 -32.91
N HIS A 378 -6.15 -6.05 -33.05
CA HIS A 378 -6.47 -4.79 -33.70
C HIS A 378 -6.07 -4.73 -35.17
N ASP A 379 -6.10 -5.89 -35.84
CA ASP A 379 -5.75 -5.96 -37.24
C ASP A 379 -6.72 -5.16 -38.11
N ASP A 380 -6.15 -4.21 -38.85
CA ASP A 380 -6.86 -3.31 -39.76
C ASP A 380 -7.81 -3.97 -40.76
N LYS A 381 -7.44 -5.13 -41.30
CA LYS A 381 -8.30 -5.80 -42.28
C LYS A 381 -9.29 -6.81 -41.73
N GLU A 382 -8.85 -7.64 -40.78
CA GLU A 382 -9.73 -8.65 -40.19
C GLU A 382 -10.91 -7.99 -39.49
N PHE A 383 -10.68 -6.84 -38.86
CA PHE A 383 -11.72 -6.10 -38.14
C PHE A 383 -11.67 -4.63 -38.58
N PRO A 384 -12.35 -4.28 -39.68
CA PRO A 384 -12.32 -2.87 -40.12
C PRO A 384 -12.71 -1.89 -39.02
N ASN A 385 -11.90 -0.85 -38.84
CA ASN A 385 -12.09 0.17 -37.81
C ASN A 385 -12.00 -0.59 -36.51
N PRO A 386 -10.84 -1.19 -36.23
CA PRO A 386 -10.57 -1.99 -35.04
C PRO A 386 -10.55 -1.27 -33.70
N ASN A 387 -10.71 0.04 -33.72
CA ASN A 387 -10.69 0.80 -32.47
C ASN A 387 -12.06 1.12 -31.87
N ILE A 388 -13.13 0.75 -32.57
CA ILE A 388 -14.47 1.01 -32.06
C ILE A 388 -15.14 -0.31 -31.71
N PHE A 389 -15.91 -0.30 -30.61
CA PHE A 389 -16.64 -1.49 -30.17
C PHE A 389 -17.75 -1.74 -31.18
N ASP A 390 -17.87 -2.96 -31.66
CA ASP A 390 -18.87 -3.29 -32.67
C ASP A 390 -18.91 -4.80 -32.81
N PRO A 391 -20.00 -5.43 -32.34
CA PRO A 391 -20.19 -6.89 -32.40
C PRO A 391 -20.19 -7.42 -33.84
N GLY A 392 -20.30 -6.51 -34.79
CA GLY A 392 -20.30 -6.89 -36.20
C GLY A 392 -18.98 -7.48 -36.68
N HIS A 393 -17.90 -7.23 -35.93
CA HIS A 393 -16.59 -7.77 -36.26
C HIS A 393 -16.65 -9.29 -36.19
N PHE A 394 -17.62 -9.81 -35.46
CA PHE A 394 -17.79 -11.25 -35.30
C PHE A 394 -19.11 -11.79 -35.85
N LEU A 395 -19.69 -11.11 -36.83
CA LEU A 395 -20.96 -11.52 -37.44
C LEU A 395 -20.92 -11.47 -38.96
N ASP A 396 -21.57 -12.44 -39.61
CA ASP A 396 -21.65 -12.43 -41.07
C ASP A 396 -22.93 -11.74 -41.50
N LYS A 397 -23.04 -11.38 -42.78
CA LYS A 397 -24.21 -10.69 -43.35
C LYS A 397 -25.59 -11.25 -42.97
N ASN A 398 -25.63 -12.43 -42.36
CA ASN A 398 -26.88 -13.07 -41.96
C ASN A 398 -27.05 -13.12 -40.44
N GLY A 399 -26.21 -12.40 -39.72
CA GLY A 399 -26.31 -12.39 -38.26
C GLY A 399 -25.76 -13.62 -37.57
N ASN A 400 -25.14 -14.52 -38.33
CA ASN A 400 -24.56 -15.71 -37.72
C ASN A 400 -23.20 -15.37 -37.17
N PHE A 401 -22.76 -16.12 -36.17
CA PHE A 401 -21.46 -15.92 -35.54
C PHE A 401 -20.32 -16.20 -36.53
N LYS A 402 -19.37 -15.27 -36.61
CA LYS A 402 -18.24 -15.42 -37.53
C LYS A 402 -16.93 -15.57 -36.76
N LYS A 403 -16.49 -16.82 -36.58
CA LYS A 403 -15.26 -17.11 -35.86
C LYS A 403 -14.04 -16.48 -36.52
N SER A 404 -13.10 -15.98 -35.72
CA SER A 404 -11.88 -15.39 -36.27
C SER A 404 -10.59 -16.07 -35.85
N ASP A 405 -9.67 -16.22 -36.81
CA ASP A 405 -8.38 -16.83 -36.52
C ASP A 405 -7.52 -15.83 -35.78
N TYR A 406 -7.92 -14.55 -35.87
CA TYR A 406 -7.23 -13.45 -35.22
C TYR A 406 -7.71 -13.24 -33.79
N PHE A 407 -8.62 -14.08 -33.33
CA PHE A 407 -9.14 -13.95 -31.97
C PHE A 407 -8.15 -14.55 -30.99
N MET A 408 -7.20 -13.72 -30.53
CA MET A 408 -6.17 -14.18 -29.60
C MET A 408 -6.08 -13.47 -28.25
N PRO A 409 -7.23 -13.24 -27.59
CA PRO A 409 -7.16 -12.56 -26.30
C PRO A 409 -6.55 -13.46 -25.23
N PHE A 410 -6.56 -14.76 -25.49
CA PHE A 410 -6.01 -15.78 -24.58
C PHE A 410 -4.66 -16.31 -25.08
N SER A 411 -4.12 -15.68 -26.13
CA SER A 411 -2.85 -16.09 -26.72
C SER A 411 -3.10 -17.34 -27.55
N ALA A 412 -2.09 -17.78 -28.30
CA ALA A 412 -2.23 -18.96 -29.13
C ALA A 412 -1.06 -19.92 -28.96
N GLY A 413 -1.24 -21.15 -29.40
CA GLY A 413 -0.17 -22.13 -29.33
C GLY A 413 -0.23 -23.12 -28.18
N LYS A 414 0.94 -23.57 -27.79
CA LYS A 414 1.11 -24.53 -26.70
C LYS A 414 0.76 -23.95 -25.33
N ARG A 415 1.10 -22.69 -25.13
CA ARG A 415 0.86 -21.99 -23.86
C ARG A 415 -0.38 -21.11 -23.88
N ILE A 416 -1.46 -21.60 -24.46
CA ILE A 416 -2.71 -20.85 -24.50
C ILE A 416 -3.33 -20.94 -23.11
N CYS A 417 -4.12 -19.94 -22.72
CA CYS A 417 -4.74 -19.92 -21.39
C CYS A 417 -5.29 -21.27 -20.91
N ALA A 418 -4.78 -21.74 -19.78
CA ALA A 418 -5.22 -23.01 -19.22
C ALA A 418 -6.68 -22.97 -18.73
N GLY A 419 -7.23 -21.77 -18.62
CA GLY A 419 -8.60 -21.64 -18.18
C GLY A 419 -9.53 -21.04 -19.23
N GLU A 420 -9.17 -21.17 -20.50
CA GLU A 420 -9.98 -20.63 -21.59
C GLU A 420 -11.44 -21.00 -21.46
N GLY A 421 -11.69 -22.29 -21.18
CA GLY A 421 -13.05 -22.76 -21.02
C GLY A 421 -13.70 -22.05 -19.86
N LEU A 422 -13.07 -22.11 -18.70
CA LEU A 422 -13.58 -21.47 -17.51
C LEU A 422 -13.81 -19.97 -17.68
N ALA A 423 -12.90 -19.30 -18.38
CA ALA A 423 -13.00 -17.87 -18.60
C ALA A 423 -14.18 -17.50 -19.48
N ARG A 424 -14.28 -18.15 -20.64
CA ARG A 424 -15.38 -17.87 -21.54
C ARG A 424 -16.70 -18.26 -20.90
N MET A 425 -16.66 -19.23 -20.01
CA MET A 425 -17.87 -19.66 -19.30
C MET A 425 -18.28 -18.55 -18.35
N GLU A 426 -17.33 -18.10 -17.53
CA GLU A 426 -17.58 -17.04 -16.58
C GLU A 426 -18.10 -15.79 -17.27
N LEU A 427 -17.47 -15.40 -18.38
CA LEU A 427 -17.90 -14.21 -19.10
C LEU A 427 -19.32 -14.32 -19.67
N PHE A 428 -19.64 -15.47 -20.28
CA PHE A 428 -20.95 -15.65 -20.88
C PHE A 428 -22.06 -15.71 -19.83
N LEU A 429 -21.87 -16.59 -18.86
CA LEU A 429 -22.84 -16.79 -17.80
C LEU A 429 -23.06 -15.54 -16.94
N PHE A 430 -22.00 -14.95 -16.41
CA PHE A 430 -22.16 -13.76 -15.58
C PHE A 430 -22.88 -12.67 -16.34
N LEU A 431 -22.30 -12.23 -17.44
CA LEU A 431 -22.90 -11.18 -18.25
C LEU A 431 -24.35 -11.43 -18.71
N THR A 432 -24.69 -12.67 -19.08
CA THR A 432 -26.05 -12.96 -19.54
C THR A 432 -27.03 -12.95 -18.38
N THR A 433 -26.64 -13.55 -17.27
CA THR A 433 -27.46 -13.61 -16.09
C THR A 433 -27.71 -12.19 -15.59
N ILE A 434 -26.66 -11.38 -15.62
CA ILE A 434 -26.78 -10.01 -15.16
C ILE A 434 -27.78 -9.24 -16.01
N LEU A 435 -27.64 -9.34 -17.33
CA LEU A 435 -28.53 -8.64 -18.23
C LEU A 435 -29.96 -9.19 -18.18
N GLN A 436 -30.08 -10.44 -17.77
CA GLN A 436 -31.37 -11.10 -17.67
C GLN A 436 -32.21 -10.49 -16.54
N ASN A 437 -31.53 -10.02 -15.51
CA ASN A 437 -32.16 -9.46 -14.33
C ASN A 437 -32.16 -7.95 -14.14
N PHE A 438 -31.39 -7.24 -14.95
CA PHE A 438 -31.33 -5.79 -14.80
C PHE A 438 -31.17 -5.06 -16.12
N ASN A 439 -31.25 -3.74 -16.01
CA ASN A 439 -31.02 -2.82 -17.11
C ASN A 439 -29.90 -1.95 -16.56
N LEU A 440 -29.15 -1.32 -17.46
CA LEU A 440 -28.02 -0.52 -17.05
C LEU A 440 -28.22 0.96 -17.29
N LYS A 441 -28.35 1.72 -16.19
CA LYS A 441 -28.53 3.16 -16.32
C LYS A 441 -27.27 3.86 -15.85
N SER A 442 -26.89 4.90 -16.58
CA SER A 442 -25.70 5.66 -16.23
C SER A 442 -26.00 6.82 -15.30
N VAL A 443 -24.96 7.24 -14.59
CA VAL A 443 -25.05 8.36 -13.65
C VAL A 443 -24.73 9.66 -14.43
N ASP A 444 -25.10 9.69 -15.71
CA ASP A 444 -24.87 10.83 -16.59
C ASP A 444 -25.30 10.46 -18.01
N ASP A 445 -24.97 11.32 -18.97
CA ASP A 445 -25.25 11.06 -20.37
C ASP A 445 -24.22 10.04 -20.82
N LEU A 446 -24.52 9.32 -21.89
CA LEU A 446 -23.61 8.32 -22.42
C LEU A 446 -22.48 9.00 -23.19
N LYS A 447 -22.78 10.17 -23.76
CA LYS A 447 -21.79 10.92 -24.51
C LYS A 447 -20.69 11.42 -23.56
N ASN A 448 -20.98 11.42 -22.27
CA ASN A 448 -20.03 11.84 -21.25
C ASN A 448 -19.24 10.62 -20.79
N LEU A 449 -19.53 9.47 -21.40
CA LEU A 449 -18.88 8.21 -21.04
C LEU A 449 -17.85 7.77 -22.08
N ASN A 450 -16.59 7.72 -21.67
CA ASN A 450 -15.52 7.32 -22.58
C ASN A 450 -15.01 5.91 -22.28
N THR A 451 -15.02 5.07 -23.30
CA THR A 451 -14.56 3.69 -23.17
C THR A 451 -13.07 3.46 -23.49
N THR A 452 -12.28 4.53 -23.48
CA THR A 452 -10.84 4.45 -23.76
C THR A 452 -10.11 3.93 -22.53
N ALA A 453 -9.28 2.91 -22.72
CA ALA A 453 -8.54 2.30 -21.62
C ALA A 453 -7.30 3.03 -21.15
N VAL A 454 -6.77 2.59 -20.02
CA VAL A 454 -5.55 3.15 -19.45
C VAL A 454 -4.59 1.96 -19.32
N THR A 455 -3.59 1.97 -20.19
CA THR A 455 -2.61 0.89 -20.23
C THR A 455 -1.34 1.21 -19.46
N LYS A 456 -1.48 1.70 -18.23
CA LYS A 456 -0.29 1.99 -17.43
C LYS A 456 0.19 0.66 -16.82
N GLY A 457 0.49 -0.31 -17.70
CA GLY A 457 0.96 -1.61 -17.23
C GLY A 457 0.81 -2.76 -18.21
N ILE A 458 1.08 -3.97 -17.71
CA ILE A 458 1.00 -5.18 -18.51
C ILE A 458 -0.46 -5.58 -18.76
N VAL A 459 -1.34 -5.19 -17.85
CA VAL A 459 -2.76 -5.47 -18.00
C VAL A 459 -3.45 -4.12 -18.13
N SER A 460 -4.06 -3.88 -19.28
CA SER A 460 -4.75 -2.61 -19.47
C SER A 460 -6.06 -2.65 -18.69
N LEU A 461 -6.42 -1.51 -18.12
CA LEU A 461 -7.64 -1.40 -17.31
C LEU A 461 -8.69 -0.45 -17.88
N PRO A 462 -9.96 -0.71 -17.58
CA PRO A 462 -11.07 0.15 -18.05
C PRO A 462 -11.11 1.31 -17.06
N PRO A 463 -11.61 2.46 -17.53
CA PRO A 463 -11.68 3.62 -16.62
C PRO A 463 -12.72 3.45 -15.50
N SER A 464 -12.55 4.23 -14.44
CA SER A 464 -13.45 4.19 -13.28
C SER A 464 -14.80 4.67 -13.74
N TYR A 465 -15.85 3.96 -13.36
CA TYR A 465 -17.19 4.37 -13.76
C TYR A 465 -18.31 3.93 -12.81
N GLN A 466 -19.34 4.75 -12.73
CA GLN A 466 -20.48 4.42 -11.88
C GLN A 466 -21.62 3.87 -12.72
N ILE A 467 -22.26 2.83 -12.22
CA ILE A 467 -23.38 2.22 -12.94
C ILE A 467 -24.55 1.90 -11.99
N CYS A 468 -25.77 1.96 -12.54
CA CYS A 468 -27.00 1.68 -11.78
C CYS A 468 -27.70 0.44 -12.29
N PHE A 469 -27.79 -0.57 -11.43
CA PHE A 469 -28.45 -1.79 -11.83
C PHE A 469 -29.97 -1.73 -11.55
N ILE A 470 -30.73 -1.48 -12.61
CA ILE A 470 -32.17 -1.37 -12.56
C ILE A 470 -32.88 -2.67 -12.91
N PRO A 471 -33.40 -3.40 -11.91
CA PRO A 471 -34.09 -4.65 -12.23
C PRO A 471 -35.48 -4.31 -12.78
N VAL A 472 -35.99 -5.08 -13.73
CA VAL A 472 -37.34 -4.81 -14.27
C VAL A 472 -38.06 -6.11 -14.63
N LYS B 10 23.90 36.88 0.41
CA LYS B 10 24.25 35.60 -0.27
C LYS B 10 24.02 34.41 0.66
N LEU B 11 23.53 33.30 0.09
CA LEU B 11 23.26 32.08 0.85
C LEU B 11 24.49 31.47 1.51
N PRO B 12 24.27 30.70 2.58
CA PRO B 12 25.38 30.05 3.30
C PRO B 12 26.13 29.13 2.33
N PRO B 13 27.46 29.03 2.49
CA PRO B 13 28.32 28.18 1.64
C PRO B 13 27.88 26.74 1.63
N GLY B 14 28.06 26.06 0.51
CA GLY B 14 27.65 24.67 0.45
C GLY B 14 28.13 23.93 -0.78
N PRO B 15 27.89 22.61 -0.85
CA PRO B 15 28.26 21.73 -1.95
C PRO B 15 27.76 22.29 -3.27
N THR B 16 28.64 22.29 -4.28
CA THR B 16 28.30 22.81 -5.60
C THR B 16 27.30 21.86 -6.26
N PRO B 17 26.08 22.38 -6.53
CA PRO B 17 24.97 21.66 -7.15
C PRO B 17 25.05 21.47 -8.65
N LEU B 18 24.68 20.26 -9.09
CA LEU B 18 24.58 19.90 -10.48
C LEU B 18 23.21 20.50 -10.89
N PRO B 19 23.09 21.31 -11.96
CA PRO B 19 21.85 22.18 -12.23
C PRO B 19 20.32 21.91 -12.05
N ILE B 20 19.83 20.73 -12.23
CA ILE B 20 18.41 20.42 -12.18
C ILE B 20 18.14 19.62 -10.94
N ILE B 21 19.15 18.78 -10.66
CA ILE B 21 19.07 17.86 -9.48
C ILE B 21 19.86 18.36 -8.26
N GLY B 22 20.37 19.59 -8.31
CA GLY B 22 21.13 20.14 -7.19
C GLY B 22 22.16 19.17 -6.64
N ASN B 23 22.08 18.87 -5.35
CA ASN B 23 23.01 17.93 -4.71
C ASN B 23 22.29 16.64 -4.42
N MET B 24 21.24 16.37 -5.18
CA MET B 24 20.44 15.18 -5.00
C MET B 24 21.25 13.89 -4.85
N LEU B 25 22.26 13.73 -5.70
CA LEU B 25 23.11 12.53 -5.69
C LEU B 25 24.29 12.60 -4.72
N GLN B 26 24.53 13.77 -4.14
CA GLN B 26 25.60 13.95 -3.14
C GLN B 26 25.04 13.54 -1.77
N ILE B 27 23.79 13.08 -1.77
CA ILE B 27 23.09 12.69 -0.54
C ILE B 27 22.53 11.28 -0.63
N ASP B 28 22.65 10.56 0.48
CA ASP B 28 22.11 9.21 0.58
C ASP B 28 20.72 9.41 1.15
N VAL B 29 19.69 9.16 0.33
CA VAL B 29 18.31 9.34 0.79
C VAL B 29 17.93 8.51 2.02
N LYS B 30 18.64 7.40 2.27
CA LYS B 30 18.36 6.57 3.43
C LYS B 30 18.72 7.35 4.70
N ASP B 31 19.93 7.15 5.22
CA ASP B 31 20.35 7.88 6.42
C ASP B 31 20.67 9.31 6.01
N ILE B 32 19.69 9.96 5.41
CA ILE B 32 19.77 11.33 4.93
C ILE B 32 20.28 12.31 5.99
N CYS B 33 20.23 11.88 7.25
CA CYS B 33 20.71 12.70 8.36
C CYS B 33 22.25 12.71 8.39
N LYS B 34 22.84 11.54 8.17
CA LYS B 34 24.30 11.40 8.18
C LYS B 34 24.92 12.22 7.03
N SER B 35 24.23 12.28 5.89
CA SER B 35 24.71 13.06 4.77
C SER B 35 24.84 14.51 5.24
N PHE B 36 23.85 14.95 6.02
CA PHE B 36 23.83 16.31 6.57
C PHE B 36 24.91 16.53 7.62
N THR B 37 25.18 15.50 8.42
CA THR B 37 26.22 15.57 9.44
C THR B 37 27.59 15.68 8.76
N ASN B 38 27.83 14.80 7.78
CA ASN B 38 29.08 14.79 7.05
C ASN B 38 29.32 16.17 6.46
N PHE B 39 28.31 16.74 5.80
CA PHE B 39 28.48 18.08 5.24
C PHE B 39 28.90 19.15 6.25
N SER B 40 28.69 18.93 7.55
CA SER B 40 29.07 19.93 8.54
C SER B 40 30.57 19.89 8.81
N LYS B 41 31.15 18.70 8.73
CA LYS B 41 32.57 18.53 8.94
C LYS B 41 33.35 19.24 7.80
N VAL B 42 32.64 19.50 6.70
CA VAL B 42 33.20 20.21 5.57
C VAL B 42 32.95 21.72 5.62
N TYR B 43 31.69 22.12 5.52
CA TYR B 43 31.31 23.54 5.51
C TYR B 43 30.99 24.23 6.83
N GLY B 44 30.82 23.46 7.91
CA GLY B 44 30.50 24.04 9.21
C GLY B 44 29.05 23.89 9.70
N PRO B 45 28.63 24.70 10.68
CA PRO B 45 27.29 24.72 11.30
C PRO B 45 26.14 25.07 10.34
N VAL B 46 26.28 26.18 9.62
CA VAL B 46 25.30 26.64 8.65
C VAL B 46 25.77 26.34 7.21
N PHE B 47 24.92 25.70 6.42
CA PHE B 47 25.28 25.39 5.03
C PHE B 47 24.08 25.24 4.13
N THR B 48 24.31 25.29 2.83
CA THR B 48 23.22 25.18 1.86
C THR B 48 23.34 24.01 0.91
N VAL B 49 22.32 23.17 0.92
CA VAL B 49 22.28 22.02 0.02
C VAL B 49 21.00 22.16 -0.81
N TYR B 50 21.04 21.82 -2.09
CA TYR B 50 19.87 21.91 -2.96
C TYR B 50 19.28 20.55 -3.25
N PHE B 51 17.97 20.51 -3.46
CA PHE B 51 17.31 19.25 -3.78
C PHE B 51 16.93 19.32 -5.24
N GLY B 52 15.80 19.93 -5.55
CA GLY B 52 15.48 20.06 -6.95
C GLY B 52 16.24 21.33 -7.20
N MET B 53 15.50 22.40 -7.47
CA MET B 53 16.08 23.71 -7.68
C MET B 53 15.95 24.42 -6.32
N ASN B 54 15.42 23.69 -5.34
CA ASN B 54 15.14 24.19 -3.98
C ASN B 54 16.25 24.22 -2.94
N PRO B 55 16.67 25.43 -2.55
CA PRO B 55 17.73 25.59 -1.54
C PRO B 55 17.19 25.19 -0.15
N ILE B 56 18.04 24.57 0.65
CA ILE B 56 17.70 24.12 1.98
C ILE B 56 18.88 24.41 2.89
N VAL B 57 18.85 25.53 3.60
CA VAL B 57 19.96 25.83 4.50
C VAL B 57 19.83 25.01 5.79
N VAL B 58 20.92 24.31 6.13
CA VAL B 58 20.95 23.45 7.29
C VAL B 58 21.75 24.08 8.41
N PHE B 59 21.31 23.85 9.64
CA PHE B 59 21.95 24.37 10.83
C PHE B 59 22.32 23.14 11.63
N HIS B 60 23.59 23.07 12.02
CA HIS B 60 24.13 21.92 12.74
C HIS B 60 24.79 22.42 14.03
N GLY B 61 24.60 21.68 15.11
CA GLY B 61 25.21 22.07 16.37
C GLY B 61 24.39 23.05 17.20
N TYR B 62 24.44 22.87 18.51
CA TYR B 62 23.69 23.72 19.43
C TYR B 62 23.72 25.21 19.10
N GLU B 63 24.92 25.78 19.01
CA GLU B 63 25.06 27.19 18.74
C GLU B 63 24.33 27.71 17.51
N ALA B 64 24.32 26.94 16.43
CA ALA B 64 23.64 27.36 15.21
C ALA B 64 22.17 27.00 15.27
N VAL B 65 21.85 25.86 15.89
CA VAL B 65 20.48 25.42 16.02
C VAL B 65 19.72 26.38 16.93
N LYS B 66 20.41 26.88 17.95
CA LYS B 66 19.78 27.81 18.89
C LYS B 66 19.61 29.18 18.28
N GLU B 67 20.64 29.68 17.62
CA GLU B 67 20.56 31.01 17.04
C GLU B 67 19.43 31.19 16.03
N ALA B 68 19.03 30.09 15.39
CA ALA B 68 17.96 30.15 14.40
C ALA B 68 16.58 30.00 15.03
N LEU B 69 16.37 28.89 15.74
CA LEU B 69 15.09 28.61 16.39
C LEU B 69 14.70 29.62 17.49
N ILE B 70 15.65 29.97 18.35
CA ILE B 70 15.41 30.93 19.42
C ILE B 70 15.65 32.37 18.97
N ASP B 71 16.92 32.81 18.97
CA ASP B 71 17.31 34.17 18.59
C ASP B 71 16.68 34.79 17.34
N ASN B 72 16.16 33.95 16.44
CA ASN B 72 15.54 34.45 15.21
C ASN B 72 14.25 33.66 14.98
N GLY B 73 13.68 33.18 16.09
CA GLY B 73 12.46 32.38 16.09
C GLY B 73 11.23 32.81 15.30
N GLU B 74 10.99 34.11 15.15
CA GLU B 74 9.82 34.53 14.40
C GLU B 74 10.00 34.34 12.92
N GLU B 75 11.21 34.56 12.43
CA GLU B 75 11.46 34.40 11.00
C GLU B 75 11.63 32.94 10.61
N PHE B 76 12.07 32.12 11.56
CA PHE B 76 12.25 30.69 11.32
C PHE B 76 11.05 29.93 11.86
N SER B 77 9.96 30.66 12.10
CA SER B 77 8.75 30.06 12.63
C SER B 77 7.89 29.48 11.51
N GLY B 78 8.25 29.80 10.27
CA GLY B 78 7.49 29.29 9.14
C GLY B 78 7.45 27.78 9.11
N ARG B 79 6.60 27.22 8.27
CA ARG B 79 6.51 25.77 8.16
C ARG B 79 6.93 25.43 6.74
N GLY B 80 7.80 24.43 6.62
CA GLY B 80 8.31 24.01 5.33
C GLY B 80 7.27 23.65 4.30
N ASN B 81 7.09 24.53 3.31
CA ASN B 81 6.13 24.28 2.24
C ASN B 81 6.54 23.02 1.51
N SER B 82 5.61 22.08 1.43
CA SER B 82 5.81 20.81 0.75
C SER B 82 4.58 20.63 -0.14
N PRO B 83 4.78 20.53 -1.47
CA PRO B 83 3.66 20.36 -2.41
C PRO B 83 2.77 19.19 -2.02
N ILE B 84 3.38 18.15 -1.46
CA ILE B 84 2.65 16.98 -1.01
C ILE B 84 1.74 17.33 0.18
N SER B 85 2.33 17.93 1.23
CA SER B 85 1.57 18.29 2.43
C SER B 85 0.49 19.34 2.16
N GLN B 86 0.69 20.15 1.11
CA GLN B 86 -0.30 21.16 0.77
C GLN B 86 -1.48 20.45 0.09
N ARG B 87 -1.19 19.32 -0.56
CA ARG B 87 -2.21 18.53 -1.24
C ARG B 87 -3.09 17.80 -0.21
N ILE B 88 -2.46 17.34 0.85
CA ILE B 88 -3.17 16.64 1.91
C ILE B 88 -3.98 17.62 2.77
N THR B 89 -3.29 18.35 3.64
CA THR B 89 -3.93 19.30 4.55
C THR B 89 -4.61 20.49 3.91
N LYS B 90 -4.25 20.82 2.66
CA LYS B 90 -4.84 21.97 1.98
C LYS B 90 -4.50 23.27 2.71
N GLY B 91 -3.56 23.20 3.65
CA GLY B 91 -3.16 24.39 4.40
C GLY B 91 -3.96 24.67 5.68
N LEU B 92 -4.88 23.77 6.01
CA LEU B 92 -5.70 23.93 7.20
C LEU B 92 -5.01 23.22 8.36
N GLY B 93 -5.46 23.50 9.59
CA GLY B 93 -4.91 22.85 10.77
C GLY B 93 -3.81 23.61 11.47
N ILE B 94 -3.03 22.89 12.27
CA ILE B 94 -1.89 23.48 13.00
C ILE B 94 -0.57 23.19 12.24
N ILE B 95 -0.27 21.91 12.09
CA ILE B 95 0.95 21.43 11.42
C ILE B 95 1.40 22.14 10.15
N SER B 96 0.53 22.22 9.14
CA SER B 96 0.89 22.85 7.86
C SER B 96 0.41 24.28 7.62
N SER B 97 0.03 24.99 8.68
CA SER B 97 -0.45 26.35 8.49
C SER B 97 0.57 27.44 8.81
N ASN B 98 0.38 28.62 8.23
CA ASN B 98 1.29 29.74 8.46
C ASN B 98 0.56 31.07 8.68
N GLY B 99 1.31 32.07 9.12
CA GLY B 99 0.74 33.39 9.37
C GLY B 99 -0.39 33.38 10.37
N LYS B 100 -1.36 34.27 10.14
CA LYS B 100 -2.55 34.43 11.00
C LYS B 100 -3.24 33.14 11.38
N ARG B 101 -3.56 32.30 10.41
CA ARG B 101 -4.22 31.06 10.72
C ARG B 101 -3.45 30.24 11.77
N TRP B 102 -2.21 29.85 11.43
CA TRP B 102 -1.40 29.03 12.34
C TRP B 102 -1.37 29.56 13.77
N LYS B 103 -1.11 30.86 13.92
CA LYS B 103 -1.01 31.48 15.23
C LYS B 103 -2.30 31.32 16.05
N GLU B 104 -3.43 31.52 15.40
CA GLU B 104 -4.72 31.40 16.07
C GLU B 104 -5.04 29.98 16.45
N ILE B 105 -4.90 29.04 15.53
CA ILE B 105 -5.19 27.65 15.84
C ILE B 105 -4.23 27.07 16.88
N ARG B 106 -3.01 27.56 16.89
CA ARG B 106 -2.01 27.05 17.82
C ARG B 106 -2.23 27.61 19.21
N ARG B 107 -2.53 28.91 19.29
CA ARG B 107 -2.81 29.54 20.60
C ARG B 107 -4.03 28.84 21.21
N PHE B 108 -5.09 28.69 20.41
CA PHE B 108 -6.28 28.01 20.88
C PHE B 108 -6.02 26.58 21.36
N SER B 109 -5.32 25.79 20.54
CA SER B 109 -5.03 24.39 20.84
C SER B 109 -4.19 24.23 22.09
N LEU B 110 -3.23 25.13 22.25
CA LEU B 110 -2.33 25.10 23.40
C LEU B 110 -3.10 25.39 24.69
N THR B 111 -3.93 26.43 24.67
CA THR B 111 -4.71 26.76 25.85
C THR B 111 -5.69 25.62 26.11
N THR B 112 -6.36 25.15 25.06
CA THR B 112 -7.27 24.03 25.17
C THR B 112 -6.56 22.78 25.67
N LEU B 113 -5.28 22.64 25.32
CA LEU B 113 -4.51 21.47 25.74
C LEU B 113 -3.92 21.48 27.12
N ARG B 114 -4.20 22.55 27.89
CA ARG B 114 -3.74 22.65 29.28
C ARG B 114 -4.41 21.52 30.05
N ASN B 115 -3.81 21.09 31.15
CA ASN B 115 -4.37 19.98 31.95
C ASN B 115 -5.89 20.07 32.25
N PHE B 116 -6.39 21.27 32.50
CA PHE B 116 -7.81 21.48 32.77
C PHE B 116 -8.37 22.47 31.77
N GLY B 117 -7.78 22.55 30.60
CA GLY B 117 -8.26 23.48 29.60
C GLY B 117 -9.40 22.92 28.78
N MET B 118 -9.80 21.69 29.08
CA MET B 118 -10.87 21.04 28.33
C MET B 118 -12.19 20.89 29.08
N GLY B 119 -12.13 20.55 30.37
CA GLY B 119 -13.34 20.40 31.13
C GLY B 119 -13.07 20.14 32.59
N LYS B 120 -13.98 19.43 33.24
CA LYS B 120 -13.86 19.08 34.65
C LYS B 120 -12.87 17.94 34.81
N ARG B 121 -12.88 17.05 33.82
CA ARG B 121 -11.99 15.90 33.79
C ARG B 121 -10.62 16.34 33.26
N SER B 122 -9.57 16.19 34.07
CA SER B 122 -8.23 16.58 33.65
C SER B 122 -7.69 15.66 32.57
N ILE B 123 -6.80 16.19 31.73
CA ILE B 123 -6.18 15.37 30.70
C ILE B 123 -5.37 14.28 31.42
N GLU B 124 -4.72 14.65 32.52
CA GLU B 124 -3.95 13.69 33.29
C GLU B 124 -4.82 12.50 33.66
N ASP B 125 -6.10 12.77 33.89
CA ASP B 125 -7.02 11.70 34.26
C ASP B 125 -7.22 10.73 33.10
N ARG B 126 -7.43 11.27 31.90
CA ARG B 126 -7.63 10.44 30.71
C ARG B 126 -6.42 9.56 30.43
N VAL B 127 -5.23 10.10 30.65
CA VAL B 127 -3.99 9.37 30.46
C VAL B 127 -3.91 8.21 31.44
N GLN B 128 -4.04 8.50 32.73
CA GLN B 128 -3.99 7.46 33.75
C GLN B 128 -4.97 6.33 33.50
N GLU B 129 -6.18 6.66 33.05
CA GLU B 129 -7.18 5.65 32.76
C GLU B 129 -6.56 4.75 31.69
N GLU B 130 -5.95 5.36 30.67
CA GLU B 130 -5.32 4.62 29.58
C GLU B 130 -4.11 3.87 30.05
N ALA B 131 -3.39 4.44 31.02
CA ALA B 131 -2.20 3.80 31.58
C ALA B 131 -2.63 2.53 32.32
N HIS B 132 -3.93 2.43 32.61
CA HIS B 132 -4.46 1.26 33.29
C HIS B 132 -4.96 0.27 32.25
N CYS B 133 -5.59 0.77 31.20
CA CYS B 133 -6.08 -0.10 30.13
C CYS B 133 -4.93 -0.84 29.44
N LEU B 134 -3.74 -0.26 29.54
CA LEU B 134 -2.55 -0.85 28.96
C LEU B 134 -2.09 -2.04 29.79
N VAL B 135 -1.78 -1.78 31.07
CA VAL B 135 -1.33 -2.83 32.00
C VAL B 135 -2.31 -4.01 32.06
N GLU B 136 -3.57 -3.77 31.72
CA GLU B 136 -4.57 -4.82 31.72
C GLU B 136 -4.30 -5.73 30.52
N GLU B 137 -3.98 -5.11 29.38
CA GLU B 137 -3.69 -5.86 28.16
C GLU B 137 -2.39 -6.66 28.24
N LEU B 138 -1.42 -6.08 28.95
CA LEU B 138 -0.13 -6.72 29.12
C LEU B 138 -0.22 -7.96 30.01
N ARG B 139 -1.36 -8.12 30.69
CA ARG B 139 -1.57 -9.28 31.55
C ARG B 139 -2.17 -10.41 30.72
N LYS B 140 -2.99 -10.05 29.74
CA LYS B 140 -3.63 -11.03 28.86
C LYS B 140 -2.63 -11.83 28.02
N THR B 141 -1.37 -11.39 28.02
CA THR B 141 -0.30 -12.08 27.30
C THR B 141 0.07 -13.31 28.15
N LYS B 142 0.00 -13.12 29.48
CA LYS B 142 0.30 -14.15 30.46
C LYS B 142 1.81 -14.34 30.61
N ALA B 143 2.53 -13.22 30.72
CA ALA B 143 3.99 -13.22 30.85
C ALA B 143 4.65 -13.83 29.62
N SER B 144 3.83 -14.12 28.62
CA SER B 144 4.27 -14.72 27.36
C SER B 144 4.93 -13.67 26.46
N PRO B 145 5.91 -14.09 25.67
CA PRO B 145 6.60 -13.17 24.76
C PRO B 145 5.68 -12.71 23.63
N CYS B 146 5.88 -11.46 23.18
CA CYS B 146 5.08 -10.89 22.11
C CYS B 146 5.72 -9.60 21.61
N ASP B 147 5.25 -9.12 20.46
CA ASP B 147 5.72 -7.88 19.85
C ASP B 147 4.74 -6.78 20.24
N PRO B 148 5.08 -5.99 21.28
CA PRO B 148 4.28 -4.87 21.82
C PRO B 148 3.93 -3.74 20.86
N THR B 149 4.58 -3.72 19.70
CA THR B 149 4.36 -2.68 18.70
C THR B 149 2.90 -2.31 18.56
N PHE B 150 2.04 -3.31 18.52
CA PHE B 150 0.62 -3.07 18.37
C PHE B 150 -0.02 -2.40 19.58
N ILE B 151 -0.07 -3.12 20.69
CA ILE B 151 -0.68 -2.60 21.91
C ILE B 151 -0.05 -1.28 22.36
N LEU B 152 1.27 -1.20 22.25
CA LEU B 152 1.98 0.01 22.64
C LEU B 152 1.60 1.17 21.73
N GLY B 153 0.85 0.87 20.67
CA GLY B 153 0.42 1.89 19.73
C GLY B 153 -1.02 2.29 19.96
N CYS B 154 -1.78 1.38 20.54
CA CYS B 154 -3.19 1.63 20.83
C CYS B 154 -3.34 2.62 21.98
N ALA B 155 -2.36 2.63 22.88
CA ALA B 155 -2.39 3.53 24.03
C ALA B 155 -2.35 5.01 23.60
N PRO B 156 -1.27 5.44 22.92
CA PRO B 156 -1.20 6.84 22.51
C PRO B 156 -2.35 7.26 21.62
N CYS B 157 -2.82 6.34 20.78
CA CYS B 157 -3.92 6.65 19.89
C CYS B 157 -5.19 6.85 20.68
N ASN B 158 -5.32 6.11 21.78
CA ASN B 158 -6.52 6.26 22.60
C ASN B 158 -6.49 7.61 23.29
N VAL B 159 -5.35 7.93 23.91
CA VAL B 159 -5.19 9.19 24.61
C VAL B 159 -5.66 10.36 23.76
N ILE B 160 -5.22 10.42 22.51
CA ILE B 160 -5.66 11.51 21.66
C ILE B 160 -7.19 11.41 21.49
N CYS B 161 -7.70 10.22 21.21
CA CYS B 161 -9.15 9.99 21.02
C CYS B 161 -9.93 10.53 22.22
N SER B 162 -9.46 10.17 23.41
CA SER B 162 -10.07 10.58 24.66
C SER B 162 -9.96 12.10 24.90
N VAL B 163 -9.06 12.75 24.17
CA VAL B 163 -8.83 14.18 24.30
C VAL B 163 -9.56 14.96 23.20
N VAL B 164 -10.14 14.23 22.26
CA VAL B 164 -10.84 14.87 21.15
C VAL B 164 -12.30 14.45 21.03
N PHE B 165 -12.57 13.23 21.48
CA PHE B 165 -13.91 12.79 21.41
C PHE B 165 -14.55 12.78 22.82
N GLN B 166 -13.69 12.51 23.82
CA GLN B 166 -13.99 12.45 25.27
C GLN B 166 -14.28 11.02 25.73
N LYS B 167 -14.30 10.06 24.82
CA LYS B 167 -14.54 8.66 25.14
C LYS B 167 -13.52 7.80 24.38
N ARG B 168 -12.81 6.90 25.06
CA ARG B 168 -11.81 6.08 24.40
C ARG B 168 -12.55 4.94 23.71
N PHE B 169 -11.82 4.17 22.91
CA PHE B 169 -12.39 3.01 22.23
C PHE B 169 -11.86 1.82 22.98
N ASP B 170 -12.39 0.64 22.68
CA ASP B 170 -11.90 -0.56 23.33
C ASP B 170 -10.86 -1.18 22.41
N TYR B 171 -9.88 -1.87 22.99
CA TYR B 171 -8.83 -2.52 22.20
C TYR B 171 -9.39 -3.71 21.41
N LYS B 172 -10.62 -3.55 20.92
CA LYS B 172 -11.34 -4.55 20.13
C LYS B 172 -12.30 -3.82 19.20
N ASP B 173 -12.76 -2.64 19.65
CA ASP B 173 -13.70 -1.81 18.89
C ASP B 173 -13.31 -1.81 17.43
N GLN B 174 -14.11 -2.48 16.62
CA GLN B 174 -13.87 -2.60 15.19
C GLN B 174 -13.52 -1.26 14.54
N ASN B 175 -14.15 -0.19 15.01
CA ASN B 175 -13.89 1.13 14.45
C ASN B 175 -12.54 1.72 14.92
N PHE B 176 -11.95 1.11 15.95
CA PHE B 176 -10.66 1.54 16.50
C PHE B 176 -9.53 0.95 15.67
N LEU B 177 -9.50 -0.39 15.56
CA LEU B 177 -8.48 -1.09 14.79
C LEU B 177 -8.42 -0.56 13.37
N THR B 178 -9.58 -0.41 12.75
CA THR B 178 -9.66 0.08 11.39
C THR B 178 -9.09 1.50 11.26
N LEU B 179 -9.58 2.43 12.09
CA LEU B 179 -9.13 3.82 12.07
C LEU B 179 -7.65 3.97 12.42
N MET B 180 -7.18 3.13 13.34
CA MET B 180 -5.80 3.17 13.77
C MET B 180 -4.85 2.73 12.67
N LYS B 181 -5.19 1.64 11.99
CA LYS B 181 -4.36 1.12 10.91
C LYS B 181 -4.43 1.99 9.66
N ARG B 182 -5.23 3.05 9.72
CA ARG B 182 -5.40 3.98 8.59
C ARG B 182 -4.44 5.16 8.77
N PHE B 183 -3.96 5.34 9.99
CA PHE B 183 -3.01 6.40 10.31
C PHE B 183 -1.62 5.82 10.13
N ASN B 184 -1.47 4.57 10.56
CA ASN B 184 -0.22 3.82 10.50
C ASN B 184 0.23 3.57 9.06
N GLU B 185 -0.71 3.64 8.11
CA GLU B 185 -0.40 3.44 6.71
C GLU B 185 0.15 4.72 6.12
N ASN B 186 -0.56 5.82 6.36
CA ASN B 186 -0.12 7.11 5.85
C ASN B 186 1.18 7.55 6.50
N PHE B 187 1.49 6.97 7.65
CA PHE B 187 2.74 7.29 8.32
C PHE B 187 3.82 6.50 7.60
N ARG B 188 3.65 5.18 7.57
CA ARG B 188 4.57 4.25 6.91
C ARG B 188 4.93 4.75 5.50
N ILE B 189 3.94 5.30 4.80
CA ILE B 189 4.12 5.81 3.44
C ILE B 189 4.83 7.16 3.41
N LEU B 190 4.41 8.08 4.26
CA LEU B 190 4.99 9.43 4.30
C LEU B 190 6.38 9.49 4.94
N ASN B 191 6.83 8.37 5.49
CA ASN B 191 8.14 8.25 6.12
C ASN B 191 9.16 8.02 5.00
N SER B 192 8.79 7.15 4.05
CA SER B 192 9.60 6.79 2.90
C SER B 192 10.35 7.97 2.32
N PRO B 193 11.63 7.75 1.99
CA PRO B 193 12.54 8.76 1.41
C PRO B 193 12.01 9.27 0.10
N TRP B 194 11.15 8.48 -0.53
CA TRP B 194 10.55 8.82 -1.80
C TRP B 194 9.78 10.14 -1.78
N ILE B 195 9.16 10.45 -0.64
CA ILE B 195 8.39 11.71 -0.55
C ILE B 195 9.34 12.90 -0.62
N GLN B 196 10.56 12.69 -0.14
CA GLN B 196 11.59 13.72 -0.16
C GLN B 196 11.96 14.06 -1.59
N VAL B 197 12.16 13.03 -2.41
CA VAL B 197 12.52 13.25 -3.80
C VAL B 197 11.34 13.77 -4.58
N CYS B 198 10.17 13.15 -4.38
CA CYS B 198 8.93 13.57 -5.05
C CYS B 198 8.56 15.03 -4.73
N ASN B 199 8.79 15.45 -3.50
CA ASN B 199 8.48 16.82 -3.11
C ASN B 199 9.26 17.83 -3.91
N ASN B 200 10.54 17.51 -4.16
CA ASN B 200 11.42 18.40 -4.90
C ASN B 200 11.41 18.19 -6.41
N PHE B 201 10.73 17.13 -6.85
CA PHE B 201 10.58 16.81 -8.28
C PHE B 201 9.12 16.37 -8.46
N PRO B 202 8.19 17.34 -8.39
CA PRO B 202 6.73 17.16 -8.52
C PRO B 202 6.28 16.17 -9.58
N LEU B 203 6.83 16.30 -10.78
CA LEU B 203 6.48 15.42 -11.91
C LEU B 203 6.61 13.94 -11.56
N LEU B 204 7.39 13.65 -10.53
CA LEU B 204 7.61 12.27 -10.10
C LEU B 204 6.44 11.69 -9.34
N ILE B 205 5.51 12.54 -8.92
CA ILE B 205 4.34 12.06 -8.19
C ILE B 205 3.51 11.16 -9.11
N ASP B 206 3.49 11.50 -10.41
CA ASP B 206 2.76 10.76 -11.43
C ASP B 206 3.21 9.30 -11.46
N CYS B 207 4.46 9.06 -11.08
CA CYS B 207 5.00 7.70 -11.08
C CYS B 207 4.46 6.85 -9.95
N PHE B 208 3.59 7.45 -9.14
CA PHE B 208 2.99 6.76 -8.01
C PHE B 208 1.49 7.01 -7.93
N PRO B 209 0.71 6.35 -8.80
CA PRO B 209 -0.74 6.54 -8.78
C PRO B 209 -1.38 5.74 -7.65
N GLY B 210 -1.02 4.48 -7.55
CA GLY B 210 -1.59 3.62 -6.52
C GLY B 210 -1.40 4.11 -5.10
N THR B 211 -0.23 4.67 -4.82
CA THR B 211 0.13 5.19 -3.50
C THR B 211 -0.50 6.57 -3.29
N HIS B 212 -0.46 7.41 -4.32
CA HIS B 212 -1.07 8.74 -4.24
C HIS B 212 -2.51 8.48 -3.82
N ASN B 213 -3.13 7.51 -4.48
CA ASN B 213 -4.51 7.13 -4.21
C ASN B 213 -4.73 6.60 -2.80
N LYS B 214 -3.86 5.68 -2.38
CA LYS B 214 -3.99 5.10 -1.05
C LYS B 214 -3.92 6.18 0.03
N VAL B 215 -3.18 7.25 -0.26
CA VAL B 215 -3.04 8.34 0.67
C VAL B 215 -4.30 9.22 0.70
N LEU B 216 -4.77 9.63 -0.48
CA LEU B 216 -5.96 10.48 -0.60
C LEU B 216 -7.21 9.86 0.03
N LYS B 217 -7.40 8.56 -0.21
CA LYS B 217 -8.55 7.88 0.33
C LYS B 217 -8.49 7.88 1.84
N ASN B 218 -7.34 7.50 2.40
CA ASN B 218 -7.18 7.47 3.85
C ASN B 218 -7.48 8.83 4.46
N VAL B 219 -7.21 9.88 3.71
CA VAL B 219 -7.47 11.24 4.18
C VAL B 219 -8.97 11.48 4.12
N ALA B 220 -9.53 11.48 2.91
CA ALA B 220 -10.97 11.69 2.72
C ALA B 220 -11.83 10.82 3.67
N LEU B 221 -11.33 9.64 4.02
CA LEU B 221 -12.05 8.73 4.92
C LEU B 221 -11.98 9.17 6.38
N THR B 222 -10.82 9.67 6.79
CA THR B 222 -10.66 10.12 8.16
C THR B 222 -11.35 11.46 8.37
N ARG B 223 -11.37 12.31 7.36
CA ARG B 223 -12.04 13.60 7.48
C ARG B 223 -13.51 13.31 7.61
N SER B 224 -13.99 12.38 6.78
CA SER B 224 -15.38 11.94 6.82
C SER B 224 -15.76 11.45 8.20
N TYR B 225 -14.82 10.79 8.87
CA TYR B 225 -15.05 10.27 10.21
C TYR B 225 -15.08 11.38 11.26
N ILE B 226 -14.25 12.40 11.07
CA ILE B 226 -14.19 13.52 12.00
C ILE B 226 -15.39 14.43 11.75
N ARG B 227 -15.75 14.64 10.49
CA ARG B 227 -16.89 15.47 10.12
C ARG B 227 -18.11 15.03 10.90
N GLU B 228 -18.37 13.72 10.90
CA GLU B 228 -19.51 13.17 11.60
C GLU B 228 -19.33 13.24 13.12
N LYS B 229 -18.14 12.93 13.61
CA LYS B 229 -17.90 12.98 15.03
C LYS B 229 -18.14 14.39 15.58
N VAL B 230 -17.95 15.39 14.71
CA VAL B 230 -18.17 16.77 15.10
C VAL B 230 -19.67 17.04 15.10
N LYS B 231 -20.37 16.56 14.07
CA LYS B 231 -21.80 16.78 13.98
C LYS B 231 -22.55 16.15 15.17
N GLU B 232 -22.12 14.98 15.60
CA GLU B 232 -22.77 14.35 16.73
C GLU B 232 -22.47 15.14 18.01
N HIS B 233 -21.34 15.84 18.01
CA HIS B 233 -20.96 16.68 19.15
C HIS B 233 -21.86 17.93 19.15
N GLN B 234 -22.02 18.56 17.98
CA GLN B 234 -22.84 19.76 17.80
C GLN B 234 -24.27 19.58 18.32
N ALA B 235 -24.74 18.33 18.34
CA ALA B 235 -26.09 18.03 18.79
C ALA B 235 -26.26 17.78 20.30
N SER B 236 -25.16 17.48 20.98
CA SER B 236 -25.19 17.22 22.43
C SER B 236 -24.36 18.24 23.21
N LEU B 237 -24.02 19.34 22.55
CA LEU B 237 -23.19 20.39 23.14
C LEU B 237 -23.76 21.18 24.33
N ASP B 238 -22.98 21.20 25.40
CA ASP B 238 -23.32 21.90 26.63
C ASP B 238 -22.13 22.85 26.91
N VAL B 239 -22.24 24.09 26.43
CA VAL B 239 -21.17 25.08 26.59
C VAL B 239 -20.68 25.26 28.01
N ASN B 240 -21.52 24.91 28.98
CA ASN B 240 -21.17 25.07 30.39
C ASN B 240 -20.27 23.97 30.92
N ASN B 241 -20.23 22.84 30.22
CA ASN B 241 -19.38 21.71 30.61
C ASN B 241 -18.84 21.02 29.38
N PRO B 242 -17.74 21.56 28.79
CA PRO B 242 -17.15 20.95 27.59
C PRO B 242 -16.62 19.60 28.00
N ARG B 243 -16.59 18.68 27.05
CA ARG B 243 -16.11 17.33 27.31
C ARG B 243 -14.72 17.06 26.75
N ASP B 244 -14.45 17.61 25.57
CA ASP B 244 -13.20 17.36 24.88
C ASP B 244 -12.75 18.55 24.04
N PHE B 245 -11.72 18.27 23.21
CA PHE B 245 -11.19 19.24 22.25
C PHE B 245 -12.25 19.72 21.26
N ILE B 246 -13.14 18.83 20.82
CA ILE B 246 -14.20 19.22 19.89
C ILE B 246 -15.13 20.30 20.48
N ASP B 247 -15.57 20.09 21.73
CA ASP B 247 -16.48 21.06 22.35
C ASP B 247 -15.88 22.44 22.47
N CYS B 248 -14.65 22.47 22.99
CA CYS B 248 -13.95 23.73 23.16
C CYS B 248 -13.91 24.51 21.87
N PHE B 249 -13.81 23.78 20.77
CA PHE B 249 -13.74 24.41 19.46
C PHE B 249 -15.13 24.89 18.99
N LEU B 250 -16.14 24.03 19.11
CA LEU B 250 -17.49 24.42 18.70
C LEU B 250 -17.96 25.67 19.47
N ILE B 251 -17.55 25.73 20.74
CA ILE B 251 -17.86 26.86 21.58
C ILE B 251 -17.15 28.08 21.00
N LYS B 252 -15.84 27.93 20.78
CA LYS B 252 -15.00 29.01 20.25
C LYS B 252 -15.52 29.50 18.91
N MET B 253 -16.14 28.61 18.15
CA MET B 253 -16.71 29.02 16.87
C MET B 253 -17.85 30.01 17.11
N GLU B 254 -18.75 29.66 18.04
CA GLU B 254 -19.89 30.52 18.40
C GLU B 254 -19.37 31.87 18.87
N GLN B 255 -18.38 31.86 19.75
CA GLN B 255 -17.75 33.07 20.24
C GLN B 255 -17.37 33.99 19.07
N GLU B 256 -17.15 33.39 17.90
CA GLU B 256 -16.76 34.13 16.69
C GLU B 256 -17.84 34.25 15.63
N LYS B 257 -19.07 33.84 15.98
CA LYS B 257 -20.27 33.90 15.11
C LYS B 257 -20.09 34.59 13.77
N ASP B 258 -20.00 35.92 13.87
CA ASP B 258 -19.86 36.86 12.78
C ASP B 258 -18.47 37.43 12.74
N ASN B 259 -17.58 36.56 12.39
CA ASN B 259 -16.22 36.92 12.18
C ASN B 259 -15.90 36.44 10.79
N GLN B 260 -16.56 35.39 10.37
CA GLN B 260 -16.25 34.84 9.10
C GLN B 260 -14.73 34.62 9.01
N LYS B 261 -13.93 35.59 8.60
CA LYS B 261 -12.47 35.36 8.44
C LYS B 261 -11.81 34.56 9.57
N SER B 262 -12.49 34.48 10.71
CA SER B 262 -11.85 33.73 11.78
C SER B 262 -11.67 32.31 11.32
N GLU B 263 -10.46 31.91 11.51
CA GLU B 263 -10.03 30.60 11.12
C GLU B 263 -10.85 29.49 11.81
N PHE B 264 -11.65 29.85 12.80
CA PHE B 264 -12.43 28.87 13.55
C PHE B 264 -13.71 28.50 12.81
N ASN B 265 -13.63 27.40 12.07
CA ASN B 265 -14.70 26.90 11.22
C ASN B 265 -14.60 25.38 11.22
N ILE B 266 -15.53 24.71 10.55
CA ILE B 266 -15.53 23.24 10.51
C ILE B 266 -14.27 22.72 9.80
N GLU B 267 -13.97 23.33 8.66
CA GLU B 267 -12.83 22.97 7.83
C GLU B 267 -11.58 22.88 8.70
N ASN B 268 -11.32 23.97 9.41
CA ASN B 268 -10.17 24.07 10.30
C ASN B 268 -10.23 23.18 11.52
N LEU B 269 -11.43 22.82 11.95
CA LEU B 269 -11.60 21.97 13.12
C LEU B 269 -11.29 20.52 12.81
N VAL B 270 -11.72 20.07 11.65
CA VAL B 270 -11.49 18.69 11.23
C VAL B 270 -9.99 18.50 11.06
N GLY B 271 -9.40 19.40 10.28
CA GLY B 271 -7.98 19.38 10.01
C GLY B 271 -7.13 19.37 11.27
N THR B 272 -7.48 20.20 12.24
CA THR B 272 -6.71 20.27 13.47
C THR B 272 -6.78 18.98 14.28
N VAL B 273 -7.92 18.30 14.23
CA VAL B 273 -8.06 17.03 14.97
C VAL B 273 -7.14 16.01 14.30
N ALA B 274 -7.23 15.99 12.98
CA ALA B 274 -6.40 15.13 12.16
C ALA B 274 -4.95 15.36 12.58
N ASP B 275 -4.54 16.63 12.56
CA ASP B 275 -3.18 17.00 12.94
C ASP B 275 -2.79 16.51 14.33
N LEU B 276 -3.76 16.21 15.19
CA LEU B 276 -3.38 15.74 16.52
C LEU B 276 -3.09 14.26 16.47
N PHE B 277 -3.80 13.55 15.62
CA PHE B 277 -3.56 12.12 15.50
C PHE B 277 -2.23 11.88 14.79
N VAL B 278 -2.02 12.60 13.68
CA VAL B 278 -0.80 12.50 12.91
C VAL B 278 0.41 12.73 13.83
N ALA B 279 0.44 13.90 14.47
CA ALA B 279 1.56 14.26 15.34
C ALA B 279 1.68 13.63 16.72
N GLY B 280 0.60 13.06 17.25
CA GLY B 280 0.68 12.49 18.59
C GLY B 280 0.51 11.00 18.75
N THR B 281 0.19 10.31 17.66
CA THR B 281 0.01 8.87 17.71
C THR B 281 1.32 8.09 17.54
N GLU B 282 1.82 8.02 16.31
CA GLU B 282 3.03 7.26 16.02
C GLU B 282 4.29 7.74 16.74
N THR B 283 4.47 9.05 16.83
CA THR B 283 5.64 9.61 17.50
C THR B 283 5.76 9.13 18.95
N THR B 284 4.64 9.15 19.67
CA THR B 284 4.58 8.74 21.06
C THR B 284 4.69 7.23 21.12
N SER B 285 3.97 6.57 20.21
CA SER B 285 3.99 5.11 20.14
C SER B 285 5.42 4.63 19.96
N THR B 286 6.10 5.15 18.95
CA THR B 286 7.47 4.80 18.68
C THR B 286 8.40 5.04 19.88
N THR B 287 8.25 6.15 20.59
CA THR B 287 9.14 6.39 21.74
C THR B 287 8.90 5.37 22.84
N LEU B 288 7.66 4.92 22.97
CA LEU B 288 7.36 3.93 24.00
C LEU B 288 8.11 2.64 23.74
N ARG B 289 8.11 2.19 22.48
CA ARG B 289 8.81 0.98 22.08
C ARG B 289 10.28 1.08 22.46
N TYR B 290 10.91 2.17 22.02
CA TYR B 290 12.31 2.41 22.28
C TYR B 290 12.62 2.48 23.76
N GLY B 291 11.69 3.03 24.54
CA GLY B 291 11.86 3.14 25.97
C GLY B 291 11.82 1.78 26.65
N LEU B 292 10.92 0.91 26.17
CA LEU B 292 10.80 -0.42 26.74
C LEU B 292 12.08 -1.18 26.46
N LEU B 293 12.46 -1.17 25.17
CA LEU B 293 13.66 -1.82 24.68
C LEU B 293 14.84 -1.41 25.54
N LEU B 294 15.03 -0.09 25.69
CA LEU B 294 16.13 0.43 26.49
C LEU B 294 16.09 -0.07 27.93
N LEU B 295 14.89 -0.20 28.47
CA LEU B 295 14.70 -0.66 29.83
C LEU B 295 14.97 -2.14 29.95
N LEU B 296 14.73 -2.86 28.86
CA LEU B 296 14.95 -4.31 28.81
C LEU B 296 16.45 -4.57 28.83
N LYS B 297 17.15 -3.88 27.92
CA LYS B 297 18.59 -3.98 27.76
C LYS B 297 19.40 -3.59 29.00
N HIS B 298 18.85 -2.68 29.81
CA HIS B 298 19.53 -2.22 31.03
C HIS B 298 18.72 -2.50 32.30
N PRO B 299 18.63 -3.77 32.74
CA PRO B 299 17.87 -4.10 33.96
C PRO B 299 18.38 -3.42 35.22
N GLU B 300 19.63 -2.97 35.19
CA GLU B 300 20.24 -2.30 36.32
C GLU B 300 19.68 -0.89 36.49
N VAL B 301 19.29 -0.30 35.37
CA VAL B 301 18.71 1.04 35.35
C VAL B 301 17.22 0.90 35.70
N THR B 302 16.60 -0.18 35.22
CA THR B 302 15.20 -0.46 35.50
C THR B 302 15.06 -0.70 37.00
N ALA B 303 15.97 -1.49 37.57
CA ALA B 303 15.95 -1.79 38.99
C ALA B 303 16.02 -0.53 39.84
N LYS B 304 16.80 0.45 39.39
CA LYS B 304 16.95 1.70 40.14
C LYS B 304 15.69 2.55 40.02
N VAL B 305 14.95 2.37 38.92
CA VAL B 305 13.70 3.11 38.71
C VAL B 305 12.65 2.51 39.63
N GLN B 306 12.49 1.19 39.59
CA GLN B 306 11.53 0.49 40.45
C GLN B 306 11.84 0.68 41.92
N GLU B 307 13.12 0.85 42.24
CA GLU B 307 13.59 1.06 43.60
C GLU B 307 13.16 2.45 44.08
N GLU B 308 12.98 3.33 43.10
CA GLU B 308 12.57 4.71 43.35
C GLU B 308 11.04 4.82 43.26
N ILE B 309 10.43 3.98 42.42
CA ILE B 309 8.98 3.98 42.25
C ILE B 309 8.30 3.48 43.52
N ASP B 310 8.83 2.42 44.10
CA ASP B 310 8.27 1.83 45.30
C ASP B 310 8.44 2.73 46.52
N HIS B 311 9.49 3.55 46.51
CA HIS B 311 9.75 4.46 47.63
C HIS B 311 8.89 5.73 47.64
N VAL B 312 8.57 6.25 46.46
CA VAL B 312 7.76 7.47 46.36
C VAL B 312 6.29 7.25 46.02
N ILE B 313 5.98 6.18 45.30
CA ILE B 313 4.60 5.88 44.88
C ILE B 313 3.99 4.65 45.55
N GLY B 314 4.83 3.67 45.86
CA GLY B 314 4.33 2.44 46.46
C GLY B 314 3.90 1.50 45.35
N ARG B 315 2.86 0.70 45.60
CA ARG B 315 2.37 -0.25 44.60
C ARG B 315 0.86 -0.45 44.59
N HIS B 316 0.15 0.59 45.01
CA HIS B 316 -1.31 0.56 45.06
C HIS B 316 -1.91 1.59 44.13
N ARG B 317 -1.67 2.86 44.46
CA ARG B 317 -2.20 3.98 43.69
C ARG B 317 -1.50 4.16 42.35
N SER B 318 -2.26 4.59 41.36
CA SER B 318 -1.73 4.86 40.03
C SER B 318 -0.77 6.03 40.17
N PRO B 319 0.38 5.98 39.46
CA PRO B 319 1.37 7.05 39.52
C PRO B 319 0.81 8.34 38.91
N CYS B 320 1.38 9.48 39.29
CA CYS B 320 0.90 10.75 38.81
C CYS B 320 2.04 11.72 38.55
N MET B 321 1.73 12.73 37.75
CA MET B 321 2.71 13.75 37.38
C MET B 321 3.33 14.52 38.55
N GLN B 322 2.78 14.36 39.74
CA GLN B 322 3.30 15.05 40.91
C GLN B 322 4.50 14.33 41.50
N ASP B 323 4.46 13.00 41.42
CA ASP B 323 5.52 12.13 41.94
C ASP B 323 6.84 12.38 41.25
N ARG B 324 6.74 12.77 39.98
CA ARG B 324 7.91 13.06 39.15
C ARG B 324 8.92 13.98 39.82
N SER B 325 8.43 15.04 40.46
CA SER B 325 9.32 15.98 41.14
C SER B 325 10.12 15.37 42.28
N HIS B 326 9.79 14.12 42.61
CA HIS B 326 10.48 13.40 43.69
C HIS B 326 11.23 12.16 43.20
N MET B 327 11.22 11.95 41.88
CA MET B 327 11.90 10.83 41.23
C MET B 327 12.89 11.38 40.20
N PRO B 328 13.95 12.06 40.66
CA PRO B 328 14.93 12.63 39.73
C PRO B 328 15.56 11.63 38.79
N TYR B 329 15.66 10.38 39.24
CA TYR B 329 16.25 9.32 38.43
C TYR B 329 15.33 8.86 37.31
N THR B 330 14.07 8.63 37.65
CA THR B 330 13.11 8.19 36.65
C THR B 330 12.90 9.27 35.61
N ASP B 331 13.04 10.52 36.04
CA ASP B 331 12.87 11.67 35.16
C ASP B 331 14.10 11.69 34.27
N ALA B 332 15.26 11.45 34.87
CA ALA B 332 16.52 11.41 34.13
C ALA B 332 16.43 10.31 33.07
N VAL B 333 15.87 9.16 33.45
CA VAL B 333 15.73 8.02 32.54
C VAL B 333 14.86 8.35 31.34
N VAL B 334 13.72 8.99 31.58
CA VAL B 334 12.80 9.35 30.50
C VAL B 334 13.47 10.37 29.60
N HIS B 335 14.18 11.30 30.19
CA HIS B 335 14.88 12.30 29.42
C HIS B 335 15.95 11.65 28.53
N GLU B 336 16.65 10.66 29.07
CA GLU B 336 17.68 9.96 28.31
C GLU B 336 17.04 9.09 27.22
N ILE B 337 15.87 8.53 27.50
CA ILE B 337 15.19 7.69 26.51
C ILE B 337 14.84 8.54 25.30
N GLN B 338 14.48 9.80 25.52
CA GLN B 338 14.13 10.68 24.41
C GLN B 338 15.36 11.17 23.64
N ARG B 339 16.46 11.38 24.34
CA ARG B 339 17.71 11.84 23.73
C ARG B 339 18.34 10.75 22.85
N TYR B 340 18.61 9.59 23.45
CA TYR B 340 19.19 8.45 22.73
C TYR B 340 18.29 8.01 21.58
N SER B 341 16.99 7.93 21.85
CA SER B 341 16.02 7.51 20.85
C SER B 341 16.03 8.42 19.64
N ASP B 342 16.37 9.70 19.84
CA ASP B 342 16.43 10.69 18.77
C ASP B 342 15.36 10.53 17.69
N LEU B 343 14.12 10.32 18.10
CA LEU B 343 12.98 10.12 17.19
C LEU B 343 12.94 10.95 15.92
N VAL B 344 13.19 12.24 16.05
CA VAL B 344 13.18 13.12 14.89
C VAL B 344 14.56 13.76 14.83
N PRO B 345 15.45 13.15 14.02
CA PRO B 345 16.85 13.54 13.79
C PRO B 345 17.08 14.85 13.04
N THR B 346 16.39 15.02 11.92
CA THR B 346 16.54 16.22 11.11
C THR B 346 15.57 17.29 11.55
N GLY B 347 14.72 16.96 12.51
CA GLY B 347 13.70 17.90 12.94
C GLY B 347 12.65 17.88 11.85
N VAL B 348 11.78 18.89 11.84
CA VAL B 348 10.74 18.97 10.84
C VAL B 348 11.07 20.22 10.06
N PRO B 349 10.91 20.19 8.74
CA PRO B 349 11.21 21.36 7.93
C PRO B 349 10.46 22.64 8.25
N HIS B 350 11.20 23.74 8.32
CA HIS B 350 10.64 25.06 8.58
C HIS B 350 10.84 25.92 7.33
N ALA B 351 10.51 27.20 7.42
CA ALA B 351 10.67 28.12 6.29
C ALA B 351 10.85 29.49 6.90
N VAL B 352 11.42 30.43 6.16
CA VAL B 352 11.61 31.77 6.70
C VAL B 352 10.49 32.67 6.17
N THR B 353 9.94 33.48 7.07
CA THR B 353 8.83 34.38 6.74
C THR B 353 9.22 35.57 5.85
N THR B 354 10.35 36.22 6.14
CA THR B 354 10.86 37.34 5.34
C THR B 354 12.32 37.01 5.01
N ASP B 355 13.00 37.92 4.31
CA ASP B 355 14.41 37.74 3.99
C ASP B 355 15.15 37.87 5.31
N THR B 356 15.55 36.74 5.86
CA THR B 356 16.24 36.75 7.14
C THR B 356 17.76 36.75 6.99
N LYS B 357 18.39 37.65 7.74
CA LYS B 357 19.83 37.77 7.70
C LYS B 357 20.50 37.07 8.92
N PHE B 358 21.19 35.98 8.66
CA PHE B 358 21.85 35.18 9.69
C PHE B 358 23.39 35.17 9.64
N ARG B 359 24.12 35.74 10.60
CA ARG B 359 25.61 35.70 10.59
C ARG B 359 26.33 35.42 9.28
N ASN B 360 26.35 36.54 8.56
CA ASN B 360 27.12 36.68 7.35
C ASN B 360 26.50 36.28 6.04
N TYR B 361 25.30 35.70 6.08
CA TYR B 361 24.54 35.30 4.91
C TYR B 361 23.12 35.78 5.01
N LEU B 362 22.45 35.81 3.85
CA LEU B 362 21.07 36.30 3.73
C LEU B 362 20.17 35.21 3.13
N ILE B 363 19.34 34.60 3.98
CA ILE B 363 18.41 33.56 3.57
C ILE B 363 17.14 34.20 3.02
N PRO B 364 16.96 34.20 1.70
CA PRO B 364 15.74 34.80 1.18
C PRO B 364 14.50 34.08 1.71
N LYS B 365 13.40 34.82 1.78
CA LYS B 365 12.11 34.33 2.26
C LYS B 365 11.58 33.09 1.53
N GLY B 366 10.92 32.21 2.28
CA GLY B 366 10.35 31.00 1.68
C GLY B 366 11.27 29.80 1.69
N THR B 367 12.56 30.08 1.85
CA THR B 367 13.61 29.09 1.88
C THR B 367 13.38 28.07 2.99
N THR B 368 13.50 26.79 2.65
CA THR B 368 13.32 25.71 3.61
C THR B 368 14.48 25.68 4.60
N ILE B 369 14.18 25.40 5.87
CA ILE B 369 15.20 25.33 6.92
C ILE B 369 15.21 23.93 7.52
N MET B 370 16.29 23.62 8.24
CA MET B 370 16.44 22.30 8.82
C MET B 370 17.34 22.42 10.06
N ALA B 371 16.78 22.13 11.23
CA ALA B 371 17.55 22.18 12.45
C ALA B 371 17.82 20.74 12.81
N LEU B 372 19.07 20.34 12.69
CA LEU B 372 19.42 18.96 13.00
C LEU B 372 19.41 18.73 14.51
N LEU B 373 18.25 18.33 15.01
CA LEU B 373 18.08 18.08 16.44
C LEU B 373 19.09 17.04 16.94
N THR B 374 19.58 16.19 16.04
CA THR B 374 20.56 15.16 16.38
C THR B 374 21.84 15.77 16.93
N SER B 375 22.36 16.79 16.25
CA SER B 375 23.58 17.43 16.68
C SER B 375 23.48 18.03 18.07
N VAL B 376 22.27 18.43 18.45
CA VAL B 376 22.07 19.03 19.77
C VAL B 376 21.93 17.92 20.80
N LEU B 377 21.18 16.88 20.45
CA LEU B 377 20.98 15.75 21.35
C LEU B 377 22.23 14.92 21.59
N HIS B 378 23.17 14.99 20.65
CA HIS B 378 24.40 14.20 20.79
C HIS B 378 25.68 15.01 20.99
N ASP B 379 25.55 16.29 21.34
CA ASP B 379 26.71 17.14 21.59
C ASP B 379 27.69 16.46 22.57
N ASP B 380 28.98 16.55 22.28
CA ASP B 380 30.03 15.93 23.08
C ASP B 380 30.26 16.48 24.46
N LYS B 381 30.50 17.79 24.53
CA LYS B 381 30.75 18.46 25.80
C LYS B 381 29.58 18.34 26.76
N GLU B 382 28.37 18.56 26.25
CA GLU B 382 27.17 18.48 27.05
C GLU B 382 26.84 17.06 27.48
N PHE B 383 26.99 16.11 26.55
CA PHE B 383 26.69 14.72 26.83
C PHE B 383 27.85 13.79 26.49
N PRO B 384 28.82 13.64 27.41
CA PRO B 384 29.98 12.76 27.20
C PRO B 384 29.55 11.34 26.82
N ASN B 385 30.14 10.84 25.73
CA ASN B 385 29.82 9.50 25.19
C ASN B 385 28.33 9.52 24.82
N PRO B 386 27.95 10.50 23.98
CA PRO B 386 26.59 10.70 23.51
C PRO B 386 25.97 9.59 22.70
N ASN B 387 26.60 8.43 22.63
CA ASN B 387 26.02 7.36 21.85
C ASN B 387 25.65 6.13 22.64
N ILE B 388 26.04 6.09 23.89
CA ILE B 388 25.67 4.96 24.72
C ILE B 388 24.59 5.44 25.70
N PHE B 389 23.61 4.58 25.99
CA PHE B 389 22.52 4.91 26.90
C PHE B 389 23.02 5.08 28.34
N ASP B 390 22.64 6.17 28.99
CA ASP B 390 23.07 6.45 30.36
C ASP B 390 22.29 7.62 30.99
N PRO B 391 21.41 7.34 31.97
CA PRO B 391 20.60 8.34 32.66
C PRO B 391 21.45 9.45 33.29
N GLY B 392 22.70 9.11 33.56
CA GLY B 392 23.64 10.05 34.16
C GLY B 392 23.85 11.31 33.36
N HIS B 393 23.37 11.33 32.12
CA HIS B 393 23.50 12.51 31.27
C HIS B 393 22.64 13.66 31.79
N PHE B 394 21.69 13.32 32.68
CA PHE B 394 20.79 14.30 33.28
C PHE B 394 20.83 14.28 34.80
N LEU B 395 21.91 13.76 35.35
CA LEU B 395 22.08 13.69 36.80
C LEU B 395 23.33 14.47 37.18
N ASP B 396 23.48 14.78 38.47
CA ASP B 396 24.65 15.51 38.96
C ASP B 396 25.42 14.68 39.99
N LYS B 397 26.47 15.28 40.55
CA LYS B 397 27.32 14.64 41.56
C LYS B 397 26.54 13.81 42.57
N ASN B 398 25.60 14.48 43.24
CA ASN B 398 24.76 13.85 44.26
C ASN B 398 23.72 12.88 43.69
N GLY B 399 23.00 13.32 42.67
CA GLY B 399 21.98 12.47 42.07
C GLY B 399 20.69 13.21 41.75
N ASN B 400 20.73 14.53 41.84
CA ASN B 400 19.57 15.36 41.55
C ASN B 400 19.47 15.55 40.04
N PHE B 401 18.25 15.72 39.55
CA PHE B 401 18.01 15.90 38.13
C PHE B 401 18.68 17.16 37.56
N LYS B 402 19.40 16.98 36.45
CA LYS B 402 20.11 18.05 35.77
C LYS B 402 19.46 18.32 34.42
N LYS B 403 18.79 19.46 34.32
CA LYS B 403 18.10 19.87 33.11
C LYS B 403 19.16 20.32 32.12
N SER B 404 18.84 20.26 30.84
CA SER B 404 19.79 20.67 29.81
C SER B 404 19.12 21.46 28.69
N ASP B 405 19.73 22.59 28.33
CA ASP B 405 19.22 23.42 27.24
C ASP B 405 19.41 22.67 25.93
N TYR B 406 20.10 21.53 25.99
CA TYR B 406 20.39 20.70 24.82
C TYR B 406 19.31 19.63 24.62
N PHE B 407 18.33 19.61 25.51
CA PHE B 407 17.25 18.65 25.40
C PHE B 407 16.26 19.21 24.37
N MET B 408 16.25 18.64 23.16
CA MET B 408 15.40 19.16 22.11
C MET B 408 14.62 18.19 21.24
N PRO B 409 14.23 17.02 21.76
CA PRO B 409 13.48 16.11 20.88
C PRO B 409 12.09 16.62 20.50
N PHE B 410 11.71 17.77 21.07
CA PHE B 410 10.43 18.41 20.77
C PHE B 410 10.72 19.70 20.02
N SER B 411 11.95 19.81 19.54
CA SER B 411 12.36 20.99 18.81
C SER B 411 12.47 22.15 19.80
N ALA B 412 12.41 23.37 19.30
CA ALA B 412 12.56 24.52 20.15
C ALA B 412 12.01 25.78 19.52
N GLY B 413 11.95 26.84 20.32
CA GLY B 413 11.45 28.13 19.86
C GLY B 413 9.96 28.18 19.56
N LYS B 414 9.59 29.16 18.74
CA LYS B 414 8.20 29.39 18.35
C LYS B 414 7.36 28.17 18.03
N ARG B 415 7.92 27.18 17.34
CA ARG B 415 7.13 25.99 16.99
C ARG B 415 7.32 24.75 17.82
N ILE B 416 7.83 24.86 19.04
CA ILE B 416 8.01 23.66 19.85
C ILE B 416 6.70 22.82 19.90
N CYS B 417 6.84 21.50 20.04
CA CYS B 417 5.71 20.57 20.07
C CYS B 417 4.46 21.12 20.80
N ALA B 418 3.36 21.30 20.06
CA ALA B 418 2.13 21.79 20.65
C ALA B 418 1.68 20.77 21.70
N GLY B 419 2.17 19.55 21.53
CA GLY B 419 1.80 18.48 22.44
C GLY B 419 2.89 18.08 23.40
N GLU B 420 3.84 18.97 23.66
CA GLU B 420 4.93 18.61 24.57
C GLU B 420 4.47 18.00 25.87
N GLY B 421 3.76 18.83 26.67
CA GLY B 421 3.24 18.42 27.97
C GLY B 421 2.49 17.11 27.94
N LEU B 422 1.63 16.93 26.94
CA LEU B 422 0.90 15.68 26.85
C LEU B 422 1.89 14.52 26.67
N ALA B 423 2.85 14.69 25.76
CA ALA B 423 3.85 13.66 25.48
C ALA B 423 4.60 13.23 26.73
N ARG B 424 5.20 14.20 27.42
CA ARG B 424 5.96 13.90 28.64
C ARG B 424 5.05 13.17 29.64
N MET B 425 3.75 13.47 29.57
CA MET B 425 2.77 12.85 30.44
C MET B 425 2.64 11.39 30.03
N GLU B 426 2.37 11.16 28.75
CA GLU B 426 2.23 9.80 28.21
C GLU B 426 3.46 8.95 28.52
N LEU B 427 4.64 9.51 28.30
CA LEU B 427 5.88 8.77 28.55
C LEU B 427 6.10 8.51 30.02
N PHE B 428 6.06 9.57 30.83
CA PHE B 428 6.27 9.40 32.26
C PHE B 428 5.28 8.47 32.92
N LEU B 429 4.00 8.64 32.57
CA LEU B 429 2.97 7.81 33.17
C LEU B 429 3.00 6.37 32.72
N PHE B 430 2.98 6.14 31.42
CA PHE B 430 2.99 4.78 30.88
C PHE B 430 4.18 3.95 31.40
N LEU B 431 5.38 4.50 31.29
CA LEU B 431 6.57 3.80 31.75
C LEU B 431 6.49 3.42 33.23
N THR B 432 6.42 4.42 34.11
CA THR B 432 6.32 4.16 35.55
C THR B 432 5.17 3.22 35.89
N THR B 433 4.06 3.33 35.16
CA THR B 433 2.93 2.47 35.42
C THR B 433 3.26 1.03 35.02
N ILE B 434 3.98 0.88 33.91
CA ILE B 434 4.38 -0.43 33.42
C ILE B 434 5.43 -1.06 34.33
N LEU B 435 6.42 -0.26 34.75
CA LEU B 435 7.49 -0.76 35.62
C LEU B 435 7.12 -0.86 37.10
N GLN B 436 5.90 -0.45 37.43
CA GLN B 436 5.42 -0.53 38.82
C GLN B 436 4.74 -1.88 39.01
N ASN B 437 4.22 -2.42 37.91
CA ASN B 437 3.54 -3.71 37.93
C ASN B 437 4.41 -4.84 37.43
N PHE B 438 5.08 -4.60 36.30
CA PHE B 438 5.92 -5.62 35.67
C PHE B 438 7.43 -5.52 35.82
N ASN B 439 8.09 -6.50 35.20
CA ASN B 439 9.53 -6.63 35.14
C ASN B 439 9.80 -7.02 33.68
N LEU B 440 10.97 -6.70 33.17
CA LEU B 440 11.28 -7.01 31.78
C LEU B 440 12.21 -8.19 31.55
N LYS B 441 11.75 -9.14 30.74
CA LYS B 441 12.53 -10.33 30.43
C LYS B 441 12.46 -10.63 28.93
N SER B 442 13.49 -11.29 28.40
CA SER B 442 13.56 -11.62 26.98
C SER B 442 13.81 -13.11 26.69
N VAL B 443 13.53 -13.50 25.44
CA VAL B 443 13.72 -14.88 24.98
C VAL B 443 15.11 -15.09 24.36
N ASP B 444 16.11 -14.42 24.95
CA ASP B 444 17.50 -14.50 24.49
C ASP B 444 18.35 -13.64 25.42
N ASP B 445 19.62 -13.98 25.55
CA ASP B 445 20.53 -13.23 26.41
C ASP B 445 20.59 -11.78 25.96
N LEU B 446 20.83 -10.88 26.91
CA LEU B 446 20.89 -9.45 26.62
C LEU B 446 21.96 -9.03 25.63
N LYS B 447 22.83 -9.97 25.25
CA LYS B 447 23.89 -9.65 24.28
C LYS B 447 23.39 -9.77 22.85
N ASN B 448 22.29 -10.51 22.66
CA ASN B 448 21.66 -10.71 21.35
C ASN B 448 20.58 -9.64 21.13
N LEU B 449 20.59 -8.61 21.95
CA LEU B 449 19.60 -7.54 21.86
C LEU B 449 20.24 -6.19 21.55
N ASN B 450 20.19 -5.80 20.29
CA ASN B 450 20.73 -4.53 19.85
C ASN B 450 19.68 -3.44 20.09
N THR B 451 20.15 -2.21 20.28
CA THR B 451 19.25 -1.09 20.51
C THR B 451 19.67 0.01 19.56
N THR B 452 19.92 -0.37 18.31
CA THR B 452 20.34 0.58 17.29
C THR B 452 19.20 1.04 16.39
N ALA B 453 19.19 2.34 16.10
CA ALA B 453 18.15 2.94 15.26
C ALA B 453 18.32 2.72 13.75
N VAL B 454 17.18 2.64 13.06
CA VAL B 454 17.13 2.48 11.61
C VAL B 454 16.50 3.73 10.97
N THR B 455 17.33 4.74 10.78
CA THR B 455 16.92 6.03 10.21
C THR B 455 16.64 6.08 8.70
N LYS B 456 15.85 5.12 8.20
CA LYS B 456 15.51 5.06 6.77
C LYS B 456 14.32 6.01 6.50
N GLY B 457 14.26 7.12 7.26
CA GLY B 457 13.19 8.09 7.11
C GLY B 457 13.38 9.33 7.98
N ILE B 458 12.43 10.27 7.89
CA ILE B 458 12.47 11.49 8.69
C ILE B 458 12.30 11.16 10.17
N VAL B 459 11.63 10.04 10.43
CA VAL B 459 11.39 9.55 11.78
C VAL B 459 12.06 8.19 11.90
N SER B 460 13.08 8.10 12.76
CA SER B 460 13.78 6.84 12.95
C SER B 460 13.01 5.95 13.91
N LEU B 461 12.86 4.70 13.51
CA LEU B 461 12.14 3.70 14.31
C LEU B 461 13.14 2.79 15.01
N PRO B 462 12.68 2.07 16.05
CA PRO B 462 13.60 1.16 16.74
C PRO B 462 13.50 -0.20 16.04
N PRO B 463 14.48 -1.08 16.26
CA PRO B 463 14.46 -2.40 15.62
C PRO B 463 13.40 -3.29 16.22
N SER B 464 12.66 -4.01 15.37
CA SER B 464 11.62 -4.94 15.81
C SER B 464 12.19 -5.89 16.86
N TYR B 465 11.35 -6.35 17.78
CA TYR B 465 11.80 -7.26 18.82
C TYR B 465 10.63 -7.91 19.55
N GLN B 466 10.96 -8.69 20.57
CA GLN B 466 9.96 -9.36 21.41
C GLN B 466 10.31 -9.13 22.88
N ILE B 467 9.29 -9.15 23.75
CA ILE B 467 9.48 -8.92 25.17
C ILE B 467 8.44 -9.65 26.03
N CYS B 468 8.85 -9.99 27.26
CA CYS B 468 7.97 -10.68 28.21
C CYS B 468 7.73 -9.84 29.46
N PHE B 469 6.45 -9.55 29.71
CA PHE B 469 6.02 -8.75 30.86
C PHE B 469 5.71 -9.66 32.05
N ILE B 470 6.63 -9.63 33.02
CA ILE B 470 6.53 -10.46 34.22
C ILE B 470 6.05 -9.70 35.45
N PRO B 471 4.93 -10.14 36.05
CA PRO B 471 4.38 -9.50 37.25
C PRO B 471 5.14 -10.02 38.46
N VAL B 472 5.25 -9.18 39.50
CA VAL B 472 5.93 -9.60 40.73
C VAL B 472 5.18 -8.93 41.89
P PO4 C . -36.56 -23.23 -21.64
O1 PO4 C . -36.71 -23.87 -20.17
O2 PO4 C . -36.26 -21.73 -21.60
O3 PO4 C . -37.92 -23.54 -22.44
O4 PO4 C . -35.38 -24.01 -22.34
CHA HEM D . -2.42 -17.95 -19.02
CHB HEM D . -5.60 -14.74 -20.48
CHC HEM D . -8.75 -16.45 -17.42
CHD HEM D . -5.59 -19.64 -16.01
C1A HEM D . -2.98 -16.88 -19.74
C2A HEM D . -2.35 -16.13 -20.74
C3A HEM D . -3.29 -15.22 -21.15
C4A HEM D . -4.43 -15.44 -20.39
CMA HEM D . -3.13 -14.12 -22.24
CAA HEM D . -0.91 -16.32 -21.26
CBA HEM D . -0.74 -17.27 -22.40
CGA HEM D . 0.66 -17.30 -23.01
O1A HEM D . 0.92 -16.59 -23.99
O2A HEM D . 1.53 -18.04 -22.55
C1B HEM D . -6.80 -14.86 -19.79
C2B HEM D . -7.97 -14.06 -19.96
C3B HEM D . -8.89 -14.57 -19.04
C4B HEM D . -8.22 -15.64 -18.39
CMB HEM D . -8.10 -12.92 -20.94
CAB HEM D . -10.22 -14.18 -18.76
CBB HEM D . -11.12 -13.28 -19.54
C1C HEM D . -8.21 -17.51 -16.73
C2C HEM D . -8.86 -18.24 -15.76
C3C HEM D . -7.95 -19.20 -15.32
C4C HEM D . -6.77 -18.97 -16.07
CMC HEM D . -10.32 -18.01 -15.30
CAC HEM D . -8.06 -20.19 -14.37
CBC HEM D . -7.92 -21.59 -14.49
C1D HEM D . -4.44 -19.46 -16.70
C2D HEM D . -3.32 -20.22 -16.52
C3D HEM D . -2.36 -19.75 -17.37
C4D HEM D . -3.00 -18.71 -18.04
CMD HEM D . -3.15 -21.38 -15.53
CAD HEM D . -0.90 -20.26 -17.57
CBD HEM D . -0.80 -21.38 -18.66
CGD HEM D . 0.61 -21.98 -18.97
O1D HEM D . 0.72 -23.12 -19.35
O2D HEM D . 1.63 -21.28 -18.84
NA HEM D . -4.26 -16.43 -19.57
NB HEM D . -6.99 -15.77 -18.85
NC HEM D . -6.96 -17.94 -16.91
ND HEM D . -4.25 -18.57 -17.60
FE HEM D . -5.64 -17.17 -18.23
C1 PLM E . 8.11 1.07 -1.01
O1 PLM E . 8.73 1.51 0.00
O2 PLM E . 8.24 -0.10 -1.40
C2 PLM E . 7.14 1.97 -1.77
C3 PLM E . 7.40 3.43 -1.59
C4 PLM E . 6.41 4.27 -2.34
C5 PLM E . 6.73 5.73 -2.12
C6 PLM E . 5.54 6.56 -2.47
C7 PLM E . 5.89 7.99 -2.80
C8 PLM E . 4.61 8.67 -3.15
C9 PLM E . 4.82 10.10 -3.52
CA PLM E . 3.49 10.74 -3.86
CB PLM E . 2.60 10.91 -2.62
CC PLM E . 1.28 11.55 -2.95
CD PLM E . 0.48 11.68 -1.69
CE PLM E . -0.85 12.33 -1.99
CF PLM E . -1.01 13.69 -1.31
CG PLM E . -2.37 14.29 -1.64
C1 PLM F . 2.25 3.59 -7.05
O1 PLM F . 2.02 3.16 -8.21
O2 PLM F . 1.72 4.63 -6.58
C2 PLM F . 3.21 2.80 -6.18
C3 PLM F . 4.06 1.88 -7.02
C4 PLM F . 5.03 1.09 -6.16
C5 PLM F . 5.87 0.18 -7.03
C6 PLM F . 6.74 -0.69 -6.19
C7 PLM F . 7.26 -1.85 -7.02
C8 PLM F . 8.13 -2.75 -6.18
C9 PLM F . 8.64 -3.90 -7.00
CA PLM F . 9.47 -4.81 -6.16
CB PLM F . 8.82 -6.17 -6.11
CC PLM F . 9.64 -7.17 -5.29
CD PLM F . 8.93 -8.50 -5.29
CE PLM F . 9.69 -9.56 -4.50
CF PLM F . 8.91 -10.85 -4.47
CG PLM F . 9.64 -11.94 -3.67
CHA HEM G . 5.24 19.17 16.38
CHB HEM G . 8.01 15.98 18.50
CHC HEM G . 4.23 14.23 20.72
CHD HEM G . 1.48 17.46 18.61
C1A HEM G . 6.39 18.47 16.75
C2A HEM G . 7.71 18.71 16.29
C3A HEM G . 8.49 17.77 16.92
C4A HEM G . 7.63 17.03 17.71
CMA HEM G . 10.04 17.57 16.77
CAA HEM G . 8.12 19.79 15.30
CBA HEM G . 8.49 21.08 15.92
CGA HEM G . 8.90 22.13 14.92
O1A HEM G . 9.92 22.78 15.12
O2A HEM G . 8.25 22.32 13.90
C1B HEM G . 7.27 15.15 19.32
C2B HEM G . 7.77 14.08 20.10
C3B HEM G . 6.64 13.57 20.75
C4B HEM G . 5.55 14.37 20.32
CMB HEM G . 9.21 13.67 20.17
CAB HEM G . 6.57 12.50 21.64
CBB HEM G . 6.96 11.10 21.47
C1C HEM G . 3.08 14.94 20.39
C2C HEM G . 1.82 14.68 20.87
C3C HEM G . 0.97 15.62 20.27
C4C HEM G . 1.82 16.40 19.44
CMC HEM G . 1.42 13.57 21.88
CAC HEM G . -0.38 15.83 20.38
CBC HEM G . -1.09 16.99 20.79
C1D HEM G . 2.26 18.22 17.81
C2D HEM G . 1.79 19.25 17.01
C3D HEM G . 2.86 19.77 16.34
C4D HEM G . 3.95 19.01 16.79
CMD HEM G . 0.35 19.74 16.86
CAD HEM G . 2.87 20.95 15.30
CBD HEM G . 3.09 22.35 15.93
CGD HEM G . 3.10 23.55 14.94
O1D HEM G . 3.09 24.71 15.34
O2D HEM G . 3.08 23.30 13.72
NA HEM G . 6.38 17.44 17.62
NB HEM G . 5.95 15.29 19.48
NC HEM G . 3.10 15.95 19.55
ND HEM G . 3.54 18.08 17.65
FE HEM G . 4.73 16.68 18.59
#